data_6WCT
#
_entry.id   6WCT
#
_cell.length_a   62.660
_cell.length_b   101.420
_cell.length_c   70.020
_cell.angle_alpha   90.000
_cell.angle_beta   92.030
_cell.angle_gamma   90.000
#
_symmetry.space_group_name_H-M   'P 1 21 1'
#
loop_
_entity.id
_entity.type
_entity.pdbx_description
1 polymer 'Guanylate kinase'
2 non-polymer "GUANOSINE-5'-MONOPHOSPHATE"
3 non-polymer 'PHOSPHATE ION'
4 non-polymer 1,2-ETHANEDIOL
5 water water
#
_entity_poly.entity_id   1
_entity_poly.type   'polypeptide(L)'
_entity_poly.pdbx_seq_one_letter_code
;MAHHHHHHMSAPSKPSDAVARGTLYIVAAPSGAGKSSIVNATLARDPQIALSISFTSRAMRPGEVNGQHYHFVSAEKFEQ
MIAAGDFFEHAWVHGDWKGTARQSVEPQLAAGQDVLLEIDWQGAQQVRQLVPGTVTVFILPPSKQALQDRMRKRGQDSEA
VIAQRLGAARDEMLHFNEFDYVIVNEVFDTAVDELCAIFTASRLRREAQKVRHAGLIQALLTPDPGATD
;
_entity_poly.pdbx_strand_id   A,B,C,D
#
loop_
_chem_comp.id
_chem_comp.type
_chem_comp.name
_chem_comp.formula
5GP non-polymer GUANOSINE-5'-MONOPHOSPHATE 'C10 H14 N5 O8 P'
EDO non-polymer 1,2-ETHANEDIOL 'C2 H6 O2'
PO4 non-polymer 'PHOSPHATE ION' 'O4 P -3'
#
# COMPACT_ATOMS: atom_id res chain seq x y z
N ALA A 20 -32.63 -25.06 -8.51
CA ALA A 20 -32.00 -23.77 -8.80
C ALA A 20 -30.60 -23.97 -9.38
N ARG A 21 -30.32 -23.32 -10.50
CA ARG A 21 -29.04 -23.51 -11.19
C ARG A 21 -27.87 -22.95 -10.39
N GLY A 22 -26.72 -23.61 -10.54
CA GLY A 22 -25.49 -23.14 -9.93
C GLY A 22 -24.95 -21.89 -10.58
N THR A 23 -24.15 -21.15 -9.82
CA THR A 23 -23.47 -19.97 -10.34
C THR A 23 -22.11 -20.33 -10.93
N LEU A 24 -21.79 -19.69 -12.04
CA LEU A 24 -20.54 -19.89 -12.77
C LEU A 24 -19.59 -18.76 -12.44
N TYR A 25 -18.40 -19.10 -12.00
CA TYR A 25 -17.34 -18.17 -11.62
C TYR A 25 -16.17 -18.32 -12.57
N ILE A 26 -15.56 -17.19 -12.96
CA ILE A 26 -14.32 -17.21 -13.72
C ILE A 26 -13.28 -16.42 -12.95
N VAL A 27 -12.12 -17.02 -12.74
CA VAL A 27 -10.97 -16.33 -12.17
C VAL A 27 -9.84 -16.42 -13.20
N ALA A 28 -9.42 -15.27 -13.72
CA ALA A 28 -8.38 -15.22 -14.73
C ALA A 28 -7.16 -14.48 -14.17
N ALA A 29 -6.02 -14.83 -14.71
CA ALA A 29 -4.74 -14.26 -14.31
C ALA A 29 -3.68 -14.81 -15.24
N PRO A 30 -2.65 -14.05 -15.58
CA PRO A 30 -1.51 -14.67 -16.25
C PRO A 30 -0.91 -15.70 -15.31
N SER A 31 -0.34 -16.76 -15.90
CA SER A 31 0.37 -17.74 -15.09
C SER A 31 1.51 -17.06 -14.34
N GLY A 32 1.77 -17.53 -13.12
CA GLY A 32 2.78 -16.94 -12.28
C GLY A 32 2.33 -15.75 -11.47
N ALA A 33 1.04 -15.38 -11.54
CA ALA A 33 0.48 -14.35 -10.66
C ALA A 33 -0.03 -14.94 -9.35
N GLY A 34 -0.08 -16.26 -9.25
CA GLY A 34 -0.53 -16.95 -8.05
C GLY A 34 -2.00 -17.27 -7.96
N LYS A 35 -2.74 -17.22 -9.07
CA LYS A 35 -4.19 -17.45 -8.98
C LYS A 35 -4.52 -18.86 -8.49
N SER A 36 -3.79 -19.88 -8.96
CA SER A 36 -4.20 -21.24 -8.58
C SER A 36 -4.09 -21.42 -7.07
N SER A 37 -3.04 -20.84 -6.46
CA SER A 37 -2.91 -20.95 -5.01
C SER A 37 -4.02 -20.18 -4.31
N ILE A 38 -4.41 -19.03 -4.87
CA ILE A 38 -5.50 -18.27 -4.27
C ILE A 38 -6.82 -19.02 -4.40
N VAL A 39 -7.09 -19.60 -5.58
CA VAL A 39 -8.34 -20.33 -5.82
C VAL A 39 -8.42 -21.58 -4.93
N ASN A 40 -7.33 -22.35 -4.87
CA ASN A 40 -7.35 -23.56 -4.05
C ASN A 40 -7.58 -23.23 -2.57
N ALA A 41 -6.95 -22.16 -2.07
CA ALA A 41 -7.20 -21.78 -0.68
C ALA A 41 -8.62 -21.27 -0.50
N THR A 42 -9.15 -20.58 -1.51
CA THR A 42 -10.50 -20.05 -1.42
C THR A 42 -11.54 -21.17 -1.43
N LEU A 43 -11.37 -22.17 -2.30
CA LEU A 43 -12.33 -23.27 -2.38
C LEU A 43 -12.29 -24.14 -1.13
N ALA A 44 -11.10 -24.33 -0.54
CA ALA A 44 -11.03 -25.07 0.72
C ALA A 44 -11.86 -24.39 1.79
N ARG A 45 -11.89 -23.06 1.77
CA ARG A 45 -12.70 -22.29 2.71
C ARG A 45 -14.17 -22.25 2.29
N ASP A 46 -14.46 -22.38 1.00
CA ASP A 46 -15.82 -22.23 0.46
C ASP A 46 -16.05 -23.46 -0.43
N PRO A 47 -16.35 -24.61 0.17
CA PRO A 47 -16.41 -25.86 -0.60
C PRO A 47 -17.65 -26.03 -1.48
N GLN A 48 -18.63 -25.14 -1.42
CA GLN A 48 -19.76 -25.32 -2.31
C GLN A 48 -19.44 -24.95 -3.77
N ILE A 49 -18.21 -24.59 -4.08
CA ILE A 49 -17.80 -24.24 -5.44
C ILE A 49 -16.83 -25.30 -5.89
N ALA A 50 -17.11 -25.93 -7.02
CA ALA A 50 -16.27 -26.97 -7.58
C ALA A 50 -15.33 -26.37 -8.61
N LEU A 51 -14.12 -26.93 -8.66
CA LEU A 51 -13.12 -26.54 -9.63
C LEU A 51 -13.18 -27.45 -10.86
N SER A 52 -12.87 -26.88 -12.02
CA SER A 52 -12.83 -27.64 -13.27
C SER A 52 -11.39 -27.84 -13.71
N ILE A 53 -11.08 -29.05 -14.18
CA ILE A 53 -9.76 -29.36 -14.74
C ILE A 53 -9.84 -29.21 -16.26
N SER A 54 -9.06 -28.29 -16.81
CA SER A 54 -9.06 -28.02 -18.24
C SER A 54 -8.29 -29.10 -19.00
N PHE A 55 -8.62 -29.21 -20.29
CA PHE A 55 -7.84 -29.95 -21.28
C PHE A 55 -6.85 -28.99 -21.94
N THR A 56 -5.69 -29.51 -22.33
CA THR A 56 -4.74 -28.71 -23.10
C THR A 56 -3.90 -29.64 -23.95
N SER A 57 -3.51 -29.15 -25.13
CA SER A 57 -2.58 -29.89 -25.96
C SER A 57 -1.15 -29.38 -25.81
N ARG A 58 -0.93 -28.38 -24.96
CA ARG A 58 0.44 -27.93 -24.73
C ARG A 58 1.23 -29.01 -23.98
N ALA A 59 2.54 -28.97 -24.15
CA ALA A 59 3.41 -29.94 -23.50
C ALA A 59 3.43 -29.72 -21.99
N MET A 60 3.60 -30.81 -21.26
CA MET A 60 3.67 -30.75 -19.81
C MET A 60 4.95 -30.03 -19.37
N ARG A 61 4.82 -29.16 -18.42
CA ARG A 61 5.97 -28.51 -17.82
C ARG A 61 6.39 -29.25 -16.55
N PRO A 62 7.64 -29.11 -16.13
CA PRO A 62 8.10 -29.79 -14.92
C PRO A 62 7.25 -29.44 -13.70
N GLY A 63 6.95 -30.46 -12.91
CA GLY A 63 6.12 -30.31 -11.73
C GLY A 63 4.65 -30.54 -11.98
N GLU A 64 4.21 -30.48 -13.23
CA GLU A 64 2.82 -30.71 -13.58
C GLU A 64 2.50 -32.20 -13.60
N VAL A 65 1.29 -32.53 -13.18
CA VAL A 65 0.78 -33.90 -13.11
C VAL A 65 -0.42 -33.99 -14.04
N ASN A 66 -0.36 -34.93 -14.98
CA ASN A 66 -1.49 -35.13 -15.87
C ASN A 66 -2.67 -35.68 -15.07
N GLY A 67 -3.85 -35.09 -15.25
CA GLY A 67 -5.02 -35.45 -14.47
C GLY A 67 -5.19 -34.61 -13.21
N GLN A 68 -4.20 -33.78 -12.86
CA GLN A 68 -4.28 -32.88 -11.72
C GLN A 68 -4.31 -31.43 -12.15
N HIS A 69 -3.23 -30.91 -12.76
CA HIS A 69 -3.25 -29.51 -13.20
C HIS A 69 -4.00 -29.33 -14.51
N TYR A 70 -3.94 -30.33 -15.38
CA TYR A 70 -4.62 -30.32 -16.67
C TYR A 70 -4.88 -31.76 -17.06
N HIS A 71 -5.82 -31.95 -17.97
CA HIS A 71 -5.85 -33.18 -18.75
C HIS A 71 -5.03 -32.89 -20.01
N PHE A 72 -3.80 -33.38 -20.04
CA PHE A 72 -2.94 -33.17 -21.19
C PHE A 72 -3.26 -34.19 -22.27
N VAL A 73 -3.57 -33.72 -23.47
CA VAL A 73 -3.85 -34.60 -24.59
C VAL A 73 -3.05 -34.11 -25.80
N SER A 74 -3.08 -34.90 -26.86
CA SER A 74 -2.43 -34.50 -28.09
C SER A 74 -3.24 -33.41 -28.77
N ALA A 75 -2.59 -32.67 -29.67
CA ALA A 75 -3.33 -31.68 -30.45
C ALA A 75 -4.38 -32.35 -31.31
N GLU A 76 -4.05 -33.51 -31.89
CA GLU A 76 -5.00 -34.25 -32.71
C GLU A 76 -6.20 -34.69 -31.89
N LYS A 77 -5.96 -35.20 -30.68
CA LYS A 77 -7.08 -35.57 -29.82
C LYS A 77 -7.90 -34.36 -29.43
N PHE A 78 -7.23 -33.26 -29.07
CA PHE A 78 -7.95 -32.05 -28.71
C PHE A 78 -8.82 -31.57 -29.87
N GLU A 79 -8.23 -31.51 -31.08
CA GLU A 79 -9.00 -31.08 -32.23
C GLU A 79 -10.09 -32.09 -32.57
N GLN A 80 -9.83 -33.39 -32.32
CA GLN A 80 -10.89 -34.39 -32.39
C GLN A 80 -12.01 -34.04 -31.41
N MET A 81 -11.64 -33.57 -30.22
CA MET A 81 -12.66 -33.19 -29.25
C MET A 81 -13.34 -31.89 -29.64
N ILE A 82 -12.63 -30.96 -30.28
CA ILE A 82 -13.28 -29.77 -30.81
C ILE A 82 -14.36 -30.16 -31.81
N ALA A 83 -13.98 -30.95 -32.82
CA ALA A 83 -14.90 -31.35 -33.89
C ALA A 83 -16.10 -32.13 -33.34
N ALA A 84 -15.90 -32.92 -32.29
CA ALA A 84 -16.98 -33.69 -31.68
C ALA A 84 -17.91 -32.83 -30.83
N GLY A 85 -17.60 -31.54 -30.64
CA GLY A 85 -18.40 -30.69 -29.78
C GLY A 85 -18.25 -30.94 -28.30
N ASP A 86 -17.09 -31.44 -27.86
CA ASP A 86 -16.90 -31.77 -26.46
C ASP A 86 -16.65 -30.56 -25.56
N PHE A 87 -16.29 -29.40 -26.12
CA PHE A 87 -15.84 -28.28 -25.29
C PHE A 87 -16.95 -27.24 -25.07
N PHE A 88 -17.17 -26.91 -23.79
CA PHE A 88 -18.02 -25.78 -23.43
C PHE A 88 -17.47 -24.48 -23.99
N GLU A 89 -16.17 -24.26 -23.82
CA GLU A 89 -15.42 -23.20 -24.47
C GLU A 89 -14.03 -23.77 -24.75
N HIS A 90 -13.38 -23.22 -25.75
CA HIS A 90 -12.01 -23.62 -26.02
C HIS A 90 -11.36 -22.48 -26.78
N ALA A 91 -10.04 -22.43 -26.69
CA ALA A 91 -9.35 -21.32 -27.32
C ALA A 91 -7.91 -21.71 -27.59
N TRP A 92 -7.34 -21.03 -28.57
CA TRP A 92 -5.93 -21.14 -28.91
C TRP A 92 -5.20 -20.16 -28.01
N VAL A 93 -4.48 -20.68 -27.04
CA VAL A 93 -3.88 -19.86 -26.00
C VAL A 93 -2.38 -20.00 -26.13
N HIS A 94 -1.72 -18.92 -26.53
CA HIS A 94 -0.26 -18.88 -26.60
C HIS A 94 0.30 -20.05 -27.42
N GLY A 95 -0.37 -20.33 -28.55
CA GLY A 95 0.07 -21.36 -29.49
C GLY A 95 -0.26 -22.80 -29.14
N ASP A 96 -1.20 -23.03 -28.23
CA ASP A 96 -1.69 -24.38 -27.95
C ASP A 96 -3.16 -24.30 -27.60
N TRP A 97 -3.84 -25.44 -27.69
CA TRP A 97 -5.25 -25.53 -27.34
C TRP A 97 -5.46 -25.57 -25.82
N LYS A 98 -6.49 -24.88 -25.37
CA LYS A 98 -6.98 -24.97 -24.00
C LYS A 98 -8.50 -25.06 -24.06
N GLY A 99 -9.08 -25.80 -23.12
CA GLY A 99 -10.51 -26.01 -23.16
C GLY A 99 -11.16 -26.57 -21.90
N THR A 100 -12.39 -26.11 -21.66
CA THR A 100 -13.23 -26.63 -20.60
C THR A 100 -14.19 -27.63 -21.24
N ALA A 101 -14.11 -28.89 -20.80
CA ALA A 101 -15.00 -29.89 -21.35
C ALA A 101 -16.43 -29.61 -20.92
N ARG A 102 -17.35 -29.83 -21.86
CA ARG A 102 -18.77 -29.67 -21.60
C ARG A 102 -19.18 -30.43 -20.34
N GLN A 103 -18.70 -31.67 -20.21
CA GLN A 103 -19.01 -32.53 -19.08
C GLN A 103 -18.50 -31.98 -17.74
N SER A 104 -17.64 -30.97 -17.75
CA SER A 104 -17.13 -30.42 -16.49
C SER A 104 -17.97 -29.28 -15.93
N VAL A 105 -18.94 -28.75 -16.69
CA VAL A 105 -19.60 -27.51 -16.30
C VAL A 105 -21.11 -27.63 -16.44
N GLU A 106 -21.56 -27.91 -17.66
CA GLU A 106 -22.99 -27.84 -17.96
C GLU A 106 -23.84 -28.75 -17.09
N PRO A 107 -23.49 -30.04 -16.87
CA PRO A 107 -24.30 -30.85 -15.95
C PRO A 107 -24.26 -30.36 -14.52
N GLN A 108 -23.07 -29.97 -14.03
CA GLN A 108 -22.95 -29.46 -12.67
C GLN A 108 -23.84 -28.23 -12.46
N LEU A 109 -23.72 -27.23 -13.36
CA LEU A 109 -24.57 -26.05 -13.24
C LEU A 109 -26.05 -26.41 -13.31
N ALA A 110 -26.40 -27.33 -14.21
CA ALA A 110 -27.79 -27.74 -14.31
C ALA A 110 -28.25 -28.45 -13.05
N ALA A 111 -27.33 -29.11 -12.34
CA ALA A 111 -27.66 -29.80 -11.10
C ALA A 111 -27.54 -28.91 -9.88
N GLY A 112 -27.36 -27.61 -10.06
CA GLY A 112 -27.27 -26.71 -8.93
C GLY A 112 -25.91 -26.60 -8.31
N GLN A 113 -24.88 -27.12 -8.98
CA GLN A 113 -23.52 -27.07 -8.47
C GLN A 113 -22.82 -25.83 -9.01
N ASP A 114 -22.26 -25.01 -8.11
CA ASP A 114 -21.43 -23.89 -8.52
C ASP A 114 -20.10 -24.40 -9.07
N VAL A 115 -19.60 -23.73 -10.11
CA VAL A 115 -18.40 -24.13 -10.82
C VAL A 115 -17.52 -22.91 -11.04
N LEU A 116 -16.24 -23.09 -10.81
CA LEU A 116 -15.23 -22.07 -11.03
C LEU A 116 -14.32 -22.50 -12.18
N LEU A 117 -14.13 -21.63 -13.17
CA LEU A 117 -13.24 -21.87 -14.31
C LEU A 117 -12.03 -20.95 -14.22
N GLU A 118 -10.83 -21.50 -14.47
CA GLU A 118 -9.59 -20.74 -14.53
C GLU A 118 -9.19 -20.69 -15.99
N ILE A 119 -9.62 -19.63 -16.69
CA ILE A 119 -9.47 -19.58 -18.14
C ILE A 119 -9.05 -18.19 -18.60
N ASP A 120 -8.57 -18.10 -19.84
CA ASP A 120 -8.04 -16.84 -20.32
C ASP A 120 -9.18 -15.93 -20.77
N TRP A 121 -8.82 -14.76 -21.30
CA TRP A 121 -9.85 -13.81 -21.68
C TRP A 121 -10.66 -14.31 -22.86
N GLN A 122 -10.03 -15.04 -23.79
CA GLN A 122 -10.77 -15.57 -24.93
C GLN A 122 -11.83 -16.55 -24.45
N GLY A 123 -11.46 -17.44 -23.54
CA GLY A 123 -12.44 -18.35 -22.98
C GLY A 123 -13.51 -17.61 -22.19
N ALA A 124 -13.11 -16.62 -21.40
CA ALA A 124 -14.08 -15.87 -20.60
C ALA A 124 -15.13 -15.21 -21.49
N GLN A 125 -14.72 -14.69 -22.65
CA GLN A 125 -15.67 -14.06 -23.56
C GLN A 125 -16.66 -15.07 -24.11
N GLN A 126 -16.19 -16.26 -24.48
CA GLN A 126 -17.13 -17.29 -24.93
C GLN A 126 -18.09 -17.66 -23.82
N VAL A 127 -17.61 -17.75 -22.58
CA VAL A 127 -18.49 -18.14 -21.49
C VAL A 127 -19.52 -17.05 -21.22
N ARG A 128 -19.10 -15.78 -21.28
CA ARG A 128 -20.03 -14.67 -21.00
C ARG A 128 -21.22 -14.71 -21.96
N GLN A 129 -20.99 -15.06 -23.22
CA GLN A 129 -22.08 -15.12 -24.19
C GLN A 129 -22.95 -16.35 -23.97
N LEU A 130 -22.39 -17.40 -23.35
CA LEU A 130 -23.15 -18.62 -23.10
C LEU A 130 -23.94 -18.48 -21.80
N VAL A 131 -23.30 -17.99 -20.74
CA VAL A 131 -23.98 -17.86 -19.44
C VAL A 131 -23.93 -16.39 -19.03
N PRO A 132 -25.06 -15.69 -19.03
CA PRO A 132 -25.03 -14.23 -18.79
C PRO A 132 -24.46 -13.84 -17.44
N GLY A 133 -24.97 -14.43 -16.36
CA GLY A 133 -24.66 -13.93 -15.04
C GLY A 133 -23.38 -14.44 -14.43
N THR A 134 -22.43 -14.85 -15.27
CA THR A 134 -21.15 -15.34 -14.78
C THR A 134 -20.45 -14.25 -13.97
N VAL A 135 -19.86 -14.63 -12.85
CA VAL A 135 -19.10 -13.70 -12.02
C VAL A 135 -17.62 -13.86 -12.40
N THR A 136 -17.01 -12.79 -12.89
CA THR A 136 -15.65 -12.89 -13.44
C THR A 136 -14.68 -12.00 -12.66
N VAL A 137 -13.51 -12.55 -12.33
CA VAL A 137 -12.51 -11.90 -11.50
C VAL A 137 -11.15 -11.97 -12.19
N PHE A 138 -10.40 -10.86 -12.19
CA PHE A 138 -9.04 -10.88 -12.73
C PHE A 138 -8.05 -10.63 -11.60
N ILE A 139 -6.98 -11.42 -11.58
CA ILE A 139 -5.97 -11.30 -10.53
C ILE A 139 -4.70 -10.79 -11.19
N LEU A 140 -4.20 -9.67 -10.69
CA LEU A 140 -3.01 -9.02 -11.19
C LEU A 140 -1.85 -9.29 -10.23
N PRO A 141 -0.65 -9.46 -10.80
CA PRO A 141 0.55 -9.54 -9.97
C PRO A 141 0.89 -8.16 -9.43
N PRO A 142 1.62 -8.09 -8.30
CA PRO A 142 1.99 -6.78 -7.74
C PRO A 142 3.08 -6.06 -8.53
N SER A 143 3.70 -6.70 -9.52
CA SER A 143 4.71 -6.06 -10.36
C SER A 143 5.09 -7.03 -11.47
N LYS A 144 5.76 -6.49 -12.50
CA LYS A 144 6.31 -7.35 -13.55
C LYS A 144 7.38 -8.27 -12.97
N GLN A 145 8.14 -7.76 -12.01
CA GLN A 145 9.16 -8.56 -11.34
C GLN A 145 8.54 -9.77 -10.65
N ALA A 146 7.38 -9.59 -10.01
CA ALA A 146 6.75 -10.69 -9.29
C ALA A 146 6.46 -11.86 -10.21
N LEU A 147 6.12 -11.59 -11.47
CA LEU A 147 5.88 -12.67 -12.42
C LEU A 147 7.13 -13.49 -12.66
N GLN A 148 8.26 -12.81 -12.89
CA GLN A 148 9.52 -13.51 -13.12
C GLN A 148 9.89 -14.39 -11.93
N ASP A 149 9.75 -13.85 -10.72
CA ASP A 149 10.20 -14.59 -9.54
C ASP A 149 9.44 -15.91 -9.40
N ARG A 150 8.11 -15.89 -9.53
CA ARG A 150 7.33 -17.12 -9.40
C ARG A 150 7.61 -18.10 -10.54
N MET A 151 8.10 -17.63 -11.69
CA MET A 151 8.35 -18.54 -12.80
C MET A 151 9.62 -19.34 -12.60
N ARG A 152 10.70 -18.70 -12.14
CA ARG A 152 11.93 -19.46 -11.93
C ARG A 152 11.92 -20.24 -10.61
N LYS A 153 10.83 -20.18 -9.84
CA LYS A 153 10.64 -21.04 -8.69
C LYS A 153 9.69 -22.19 -8.98
N ARG A 154 9.18 -22.28 -10.21
CA ARG A 154 8.37 -23.41 -10.66
C ARG A 154 9.15 -24.39 -11.52
N GLY A 155 10.38 -24.06 -11.90
CA GLY A 155 11.19 -24.94 -12.71
C GLY A 155 12.19 -24.17 -13.54
N GLN A 156 13.28 -24.84 -13.88
CA GLN A 156 14.37 -24.25 -14.66
C GLN A 156 13.86 -23.95 -16.07
N ASP A 157 13.51 -22.69 -16.31
CA ASP A 157 13.12 -22.23 -17.63
C ASP A 157 14.23 -21.36 -18.20
N SER A 158 14.46 -21.47 -19.51
CA SER A 158 15.50 -20.67 -20.12
C SER A 158 15.09 -19.20 -20.11
N GLU A 159 16.08 -18.34 -20.33
CA GLU A 159 15.79 -16.92 -20.44
C GLU A 159 14.90 -16.63 -21.64
N ALA A 160 15.09 -17.37 -22.74
CA ALA A 160 14.25 -17.16 -23.92
C ALA A 160 12.80 -17.58 -23.66
N VAL A 161 12.59 -18.66 -22.90
CA VAL A 161 11.25 -19.06 -22.58
C VAL A 161 10.64 -18.10 -21.55
N ILE A 162 11.46 -17.62 -20.60
CA ILE A 162 10.92 -16.68 -19.63
C ILE A 162 10.50 -15.40 -20.30
N ALA A 163 11.29 -14.91 -21.25
CA ALA A 163 10.90 -13.72 -21.99
C ALA A 163 9.62 -13.95 -22.78
N GLN A 164 9.46 -15.13 -23.36
CA GLN A 164 8.23 -15.41 -24.11
C GLN A 164 7.01 -15.45 -23.21
N ARG A 165 7.11 -16.15 -22.07
CA ARG A 165 5.96 -16.28 -21.17
C ARG A 165 5.59 -14.93 -20.55
N LEU A 166 6.59 -14.10 -20.24
CA LEU A 166 6.31 -12.77 -19.75
C LEU A 166 5.55 -11.95 -20.78
N GLY A 167 5.93 -12.09 -22.05
CA GLY A 167 5.19 -11.40 -23.10
C GLY A 167 3.78 -11.90 -23.21
N ALA A 168 3.60 -13.23 -23.12
CA ALA A 168 2.26 -13.80 -23.14
C ALA A 168 1.43 -13.34 -21.93
N ALA A 169 2.09 -13.12 -20.79
CA ALA A 169 1.38 -12.65 -19.60
C ALA A 169 0.81 -11.25 -19.83
N ARG A 170 1.60 -10.36 -20.40
CA ARG A 170 1.13 -9.01 -20.69
C ARG A 170 -0.04 -9.04 -21.69
N ASP A 171 0.05 -9.93 -22.69
CA ASP A 171 -1.06 -10.08 -23.62
C ASP A 171 -2.35 -10.47 -22.91
N GLU A 172 -2.27 -11.34 -21.89
CA GLU A 172 -3.48 -11.69 -21.16
C GLU A 172 -3.98 -10.51 -20.35
N MET A 173 -3.07 -9.79 -19.69
CA MET A 173 -3.45 -8.68 -18.82
C MET A 173 -4.03 -7.50 -19.58
N LEU A 174 -3.75 -7.38 -20.89
CA LEU A 174 -4.34 -6.30 -21.69
C LEU A 174 -5.86 -6.35 -21.69
N HIS A 175 -6.45 -7.51 -21.39
CA HIS A 175 -7.90 -7.73 -21.42
C HIS A 175 -8.52 -7.71 -20.03
N PHE A 176 -7.81 -7.21 -19.02
CA PHE A 176 -8.33 -7.21 -17.66
C PHE A 176 -9.63 -6.44 -17.56
N ASN A 177 -9.81 -5.43 -18.40
CA ASN A 177 -10.99 -4.57 -18.29
C ASN A 177 -12.29 -5.31 -18.58
N GLU A 178 -12.24 -6.52 -19.12
CA GLU A 178 -13.46 -7.26 -19.41
C GLU A 178 -14.08 -7.92 -18.18
N PHE A 179 -13.42 -7.83 -17.02
CA PHE A 179 -13.79 -8.58 -15.84
C PHE A 179 -14.49 -7.69 -14.80
N ASP A 180 -15.36 -8.30 -13.98
CA ASP A 180 -16.14 -7.50 -13.03
C ASP A 180 -15.28 -7.00 -11.88
N TYR A 181 -14.36 -7.82 -11.42
CA TYR A 181 -13.56 -7.53 -10.23
C TYR A 181 -12.10 -7.68 -10.58
N VAL A 182 -11.26 -6.97 -9.83
CA VAL A 182 -9.82 -7.03 -9.99
C VAL A 182 -9.23 -7.20 -8.62
N ILE A 183 -8.42 -8.23 -8.43
CA ILE A 183 -7.67 -8.45 -7.19
C ILE A 183 -6.19 -8.27 -7.49
N VAL A 184 -5.50 -7.46 -6.70
CA VAL A 184 -4.04 -7.36 -6.78
C VAL A 184 -3.46 -8.25 -5.70
N ASN A 185 -2.67 -9.25 -6.10
CA ASN A 185 -2.14 -10.26 -5.19
C ASN A 185 -0.86 -9.74 -4.55
N GLU A 186 -1.03 -8.83 -3.60
CA GLU A 186 0.12 -8.33 -2.82
C GLU A 186 0.39 -9.20 -1.60
N VAL A 187 -0.62 -9.38 -0.75
CA VAL A 187 -0.51 -10.24 0.42
C VAL A 187 -1.40 -11.45 0.18
N PHE A 188 -0.84 -12.65 0.30
CA PHE A 188 -1.57 -13.86 -0.10
C PHE A 188 -2.85 -14.03 0.70
N ASP A 189 -2.77 -13.97 2.04
CA ASP A 189 -3.96 -14.18 2.84
C ASP A 189 -5.01 -13.12 2.60
N THR A 190 -4.59 -11.90 2.22
CA THR A 190 -5.55 -10.86 1.89
C THR A 190 -6.26 -11.16 0.57
N ALA A 191 -5.51 -11.60 -0.46
CA ALA A 191 -6.14 -11.94 -1.73
C ALA A 191 -7.17 -13.06 -1.56
N VAL A 192 -6.86 -14.05 -0.72
CA VAL A 192 -7.80 -15.13 -0.43
C VAL A 192 -9.06 -14.57 0.23
N ASP A 193 -8.87 -13.72 1.25
CA ASP A 193 -10.03 -13.07 1.88
C ASP A 193 -10.86 -12.32 0.85
N GLU A 194 -10.20 -11.64 -0.09
CA GLU A 194 -10.92 -10.81 -1.06
C GLU A 194 -11.68 -11.68 -2.06
N LEU A 195 -11.07 -12.77 -2.54
CA LEU A 195 -11.81 -13.64 -3.42
C LEU A 195 -12.97 -14.29 -2.68
N CYS A 196 -12.78 -14.63 -1.40
CA CYS A 196 -13.91 -15.16 -0.62
C CYS A 196 -15.02 -14.12 -0.49
N ALA A 197 -14.69 -12.86 -0.24
CA ALA A 197 -15.72 -11.83 -0.15
C ALA A 197 -16.51 -11.72 -1.45
N ILE A 198 -15.82 -11.81 -2.60
CA ILE A 198 -16.50 -11.74 -3.90
C ILE A 198 -17.47 -12.90 -4.06
N PHE A 199 -17.04 -14.13 -3.70
CA PHE A 199 -17.93 -15.28 -3.82
C PHE A 199 -19.12 -15.16 -2.87
N THR A 200 -18.86 -14.76 -1.62
CA THR A 200 -19.94 -14.57 -0.67
C THR A 200 -20.93 -13.52 -1.17
N ALA A 201 -20.44 -12.37 -1.63
CA ALA A 201 -21.33 -11.31 -2.08
C ALA A 201 -22.21 -11.76 -3.24
N SER A 202 -21.66 -12.59 -4.13
CA SER A 202 -22.45 -12.98 -5.28
C SER A 202 -23.69 -13.78 -4.87
N ARG A 203 -23.62 -14.56 -3.78
CA ARG A 203 -24.80 -15.28 -3.32
C ARG A 203 -25.83 -14.38 -2.66
N LEU A 204 -25.46 -13.15 -2.29
CA LEU A 204 -26.38 -12.22 -1.67
C LEU A 204 -27.07 -11.30 -2.67
N ARG A 205 -26.73 -11.40 -3.96
CA ARG A 205 -27.35 -10.54 -4.96
C ARG A 205 -28.86 -10.76 -5.01
N ARG A 206 -29.59 -9.69 -5.33
CA ARG A 206 -31.05 -9.69 -5.23
C ARG A 206 -31.67 -10.88 -5.96
N GLU A 207 -31.28 -11.12 -7.20
CA GLU A 207 -31.98 -12.13 -8.01
C GLU A 207 -31.75 -13.53 -7.46
N ALA A 208 -30.54 -13.80 -6.96
CA ALA A 208 -30.27 -15.09 -6.32
C ALA A 208 -31.04 -15.23 -5.02
N GLN A 209 -31.13 -14.14 -4.24
CA GLN A 209 -31.82 -14.22 -2.96
C GLN A 209 -33.32 -14.36 -3.12
N LYS A 210 -33.88 -13.80 -4.20
CA LYS A 210 -35.31 -13.99 -4.45
C LYS A 210 -35.63 -15.46 -4.60
N VAL A 211 -34.73 -16.23 -5.23
CA VAL A 211 -34.95 -17.66 -5.40
C VAL A 211 -34.73 -18.40 -4.09
N ARG A 212 -33.58 -18.15 -3.45
CA ARG A 212 -33.22 -18.87 -2.23
C ARG A 212 -34.26 -18.68 -1.13
N HIS A 213 -34.84 -17.48 -1.04
CA HIS A 213 -35.77 -17.14 0.05
C HIS A 213 -37.16 -16.79 -0.49
N ALA A 214 -37.56 -17.40 -1.61
CA ALA A 214 -38.85 -17.09 -2.21
C ALA A 214 -39.99 -17.23 -1.21
N GLY A 215 -40.00 -18.34 -0.46
CA GLY A 215 -41.08 -18.56 0.49
C GLY A 215 -41.11 -17.52 1.59
N LEU A 216 -39.93 -17.20 2.13
CA LEU A 216 -39.85 -16.15 3.16
C LEU A 216 -40.36 -14.82 2.62
N ILE A 217 -39.94 -14.46 1.41
CA ILE A 217 -40.34 -13.17 0.83
C ILE A 217 -41.85 -13.14 0.62
N GLN A 218 -42.42 -14.25 0.14
CA GLN A 218 -43.86 -14.32 -0.05
C GLN A 218 -44.60 -14.09 1.27
N ALA A 219 -44.10 -14.68 2.36
CA ALA A 219 -44.72 -14.49 3.68
C ALA A 219 -44.61 -13.03 4.15
N LEU A 220 -43.44 -12.41 4.01
CA LEU A 220 -43.24 -11.07 4.52
C LEU A 220 -44.05 -10.02 3.77
N LEU A 221 -44.27 -10.21 2.48
CA LEU A 221 -44.94 -9.22 1.66
C LEU A 221 -46.44 -9.46 1.58
N THR A 222 -46.92 -10.53 2.14
CA THR A 222 -48.35 -10.78 2.17
C THR A 222 -48.99 -9.95 3.27
N PRO A 223 -50.19 -9.41 3.04
CA PRO A 223 -50.87 -8.62 4.07
C PRO A 223 -51.58 -9.48 5.11
N VAL B 19 5.98 -10.05 2.64
CA VAL B 19 5.39 -8.72 2.54
C VAL B 19 6.32 -7.69 3.16
N ALA B 20 6.73 -6.69 2.37
CA ALA B 20 7.58 -5.65 2.92
C ALA B 20 6.75 -4.77 3.84
N ARG B 21 7.17 -4.67 5.09
CA ARG B 21 6.42 -3.87 6.06
C ARG B 21 6.51 -2.38 5.71
N GLY B 22 5.48 -1.64 6.08
CA GLY B 22 5.53 -0.21 5.91
C GLY B 22 6.54 0.43 6.85
N THR B 23 7.06 1.57 6.44
CA THR B 23 7.99 2.30 7.31
C THR B 23 7.18 3.24 8.21
N LEU B 24 7.58 3.31 9.46
CA LEU B 24 6.96 4.20 10.44
C LEU B 24 7.78 5.46 10.57
N TYR B 25 7.17 6.59 10.27
CA TYR B 25 7.85 7.88 10.31
C TYR B 25 7.25 8.74 11.42
N ILE B 26 8.13 9.40 12.16
CA ILE B 26 7.71 10.35 13.18
C ILE B 26 8.32 11.70 12.81
N VAL B 27 7.50 12.72 12.77
CA VAL B 27 7.94 14.08 12.55
C VAL B 27 7.44 14.92 13.71
N ALA B 28 8.36 15.46 14.49
CA ALA B 28 8.02 16.29 15.64
C ALA B 28 8.59 17.68 15.41
N ALA B 29 8.02 18.64 16.14
CA ALA B 29 8.43 20.04 16.06
C ALA B 29 7.67 20.88 17.06
N PRO B 30 8.25 21.97 17.53
CA PRO B 30 7.46 22.96 18.27
C PRO B 30 6.45 23.59 17.33
N SER B 31 5.34 24.05 17.90
CA SER B 31 4.40 24.85 17.13
C SER B 31 5.08 26.11 16.63
N GLY B 32 4.72 26.54 15.42
CA GLY B 32 5.31 27.72 14.86
C GLY B 32 6.63 27.52 14.14
N ALA B 33 7.09 26.28 14.03
CA ALA B 33 8.25 25.98 13.20
C ALA B 33 7.87 25.67 11.76
N GLY B 34 6.56 25.54 11.49
CA GLY B 34 6.07 25.24 10.16
C GLY B 34 5.96 23.76 9.85
N LYS B 35 5.99 22.90 10.88
CA LYS B 35 6.05 21.46 10.66
C LYS B 35 4.85 20.95 9.86
N SER B 36 3.65 21.41 10.22
CA SER B 36 2.45 20.88 9.58
C SER B 36 2.44 21.21 8.10
N SER B 37 2.92 22.40 7.74
CA SER B 37 3.00 22.82 6.36
C SER B 37 4.03 21.99 5.58
N ILE B 38 5.15 21.64 6.20
CA ILE B 38 6.14 20.80 5.54
C ILE B 38 5.59 19.39 5.33
N VAL B 39 4.96 18.82 6.37
CA VAL B 39 4.46 17.46 6.28
C VAL B 39 3.39 17.34 5.19
N ASN B 40 2.44 18.29 5.17
CA ASN B 40 1.37 18.22 4.20
C ASN B 40 1.90 18.30 2.77
N ALA B 41 2.91 19.16 2.53
CA ALA B 41 3.55 19.20 1.23
C ALA B 41 4.29 17.91 0.94
N THR B 42 4.88 17.29 1.96
CA THR B 42 5.57 16.01 1.75
C THR B 42 4.57 14.91 1.36
N LEU B 43 3.44 14.86 2.06
CA LEU B 43 2.44 13.85 1.76
C LEU B 43 1.85 14.05 0.38
N ALA B 44 1.79 15.30 -0.10
CA ALA B 44 1.38 15.57 -1.47
C ALA B 44 2.33 14.91 -2.47
N ARG B 45 3.64 14.96 -2.21
CA ARG B 45 4.60 14.36 -3.13
C ARG B 45 4.63 12.84 -3.04
N ASP B 46 4.28 12.27 -1.88
CA ASP B 46 4.48 10.85 -1.61
C ASP B 46 3.18 10.23 -1.09
N PRO B 47 2.27 9.84 -1.99
CA PRO B 47 0.97 9.33 -1.53
C PRO B 47 1.05 7.95 -0.90
N GLN B 48 2.21 7.29 -0.95
CA GLN B 48 2.39 6.01 -0.29
C GLN B 48 2.48 6.12 1.23
N ILE B 49 2.32 7.31 1.80
CA ILE B 49 2.45 7.54 3.23
C ILE B 49 1.09 7.92 3.80
N ALA B 50 0.66 7.17 4.81
CA ALA B 50 -0.60 7.42 5.49
C ALA B 50 -0.37 8.28 6.72
N LEU B 51 -1.24 9.25 6.93
CA LEU B 51 -1.18 10.07 8.13
C LEU B 51 -2.13 9.50 9.19
N SER B 52 -1.71 9.61 10.44
CA SER B 52 -2.51 9.10 11.54
C SER B 52 -3.24 10.25 12.21
N ILE B 53 -4.51 10.02 12.53
CA ILE B 53 -5.35 11.00 13.20
C ILE B 53 -5.31 10.67 14.68
N SER B 54 -4.72 11.55 15.46
CA SER B 54 -4.57 11.32 16.89
C SER B 54 -5.87 11.60 17.64
N PHE B 55 -5.98 10.96 18.80
CA PHE B 55 -6.99 11.27 19.80
C PHE B 55 -6.46 12.32 20.77
N THR B 56 -7.36 13.15 21.28
CA THR B 56 -7.00 14.12 22.29
C THR B 56 -8.20 14.43 23.17
N SER B 57 -7.92 14.77 24.43
CA SER B 57 -8.95 15.21 25.36
C SER B 57 -9.02 16.73 25.49
N ARG B 58 -8.16 17.48 24.80
CA ARG B 58 -8.25 18.94 24.84
C ARG B 58 -9.51 19.40 24.10
N ALA B 59 -10.00 20.59 24.46
CA ALA B 59 -11.15 21.15 23.78
C ALA B 59 -10.76 21.56 22.36
N MET B 60 -11.69 21.38 21.41
CA MET B 60 -11.44 21.84 20.05
C MET B 60 -11.52 23.35 19.95
N ARG B 61 -10.61 23.92 19.21
CA ARG B 61 -10.51 25.35 18.91
C ARG B 61 -11.32 25.68 17.66
N PRO B 62 -11.72 26.94 17.49
CA PRO B 62 -12.54 27.29 16.32
C PRO B 62 -11.88 26.89 15.02
N GLY B 63 -12.68 26.32 14.12
CA GLY B 63 -12.24 25.87 12.83
C GLY B 63 -11.83 24.42 12.75
N GLU B 64 -11.58 23.77 13.88
CA GLU B 64 -11.19 22.37 13.87
C GLU B 64 -12.39 21.48 13.59
N VAL B 65 -12.16 20.40 12.86
CA VAL B 65 -13.22 19.46 12.48
C VAL B 65 -12.94 18.13 13.16
N ASN B 66 -13.91 17.65 13.94
CA ASN B 66 -13.75 16.36 14.59
C ASN B 66 -13.66 15.26 13.55
N GLY B 67 -12.67 14.38 13.71
CA GLY B 67 -12.39 13.34 12.74
C GLY B 67 -11.43 13.75 11.65
N GLN B 68 -11.06 15.02 11.59
CA GLN B 68 -10.10 15.51 10.60
C GLN B 68 -8.78 15.87 11.28
N HIS B 69 -8.75 16.89 12.12
CA HIS B 69 -7.51 17.27 12.80
C HIS B 69 -7.23 16.34 13.96
N TYR B 70 -8.28 15.92 14.65
CA TYR B 70 -8.19 14.99 15.78
C TYR B 70 -9.52 14.27 15.91
N HIS B 71 -9.47 13.17 16.65
CA HIS B 71 -10.65 12.58 17.27
C HIS B 71 -10.71 13.18 18.68
N PHE B 72 -11.61 14.15 18.87
CA PHE B 72 -11.76 14.82 20.16
C PHE B 72 -12.67 14.01 21.08
N VAL B 73 -12.16 13.65 22.26
CA VAL B 73 -12.91 12.89 23.25
C VAL B 73 -12.77 13.56 24.60
N SER B 74 -13.55 13.09 25.57
CA SER B 74 -13.47 13.57 26.93
C SER B 74 -12.24 12.97 27.62
N ALA B 75 -11.85 13.59 28.74
CA ALA B 75 -10.76 13.05 29.52
C ALA B 75 -11.08 11.65 30.04
N GLU B 76 -12.33 11.44 30.48
CA GLU B 76 -12.74 10.13 30.97
C GLU B 76 -12.73 9.10 29.87
N LYS B 77 -13.22 9.46 28.68
CA LYS B 77 -13.19 8.54 27.55
C LYS B 77 -11.75 8.24 27.14
N PHE B 78 -10.89 9.27 27.11
CA PHE B 78 -9.50 9.02 26.76
C PHE B 78 -8.87 8.05 27.74
N GLU B 79 -9.09 8.26 29.04
CA GLU B 79 -8.51 7.36 30.01
C GLU B 79 -9.15 5.97 29.95
N GLN B 80 -10.42 5.90 29.58
CA GLN B 80 -11.04 4.61 29.32
C GLN B 80 -10.30 3.88 28.19
N MET B 81 -9.90 4.61 27.15
CA MET B 81 -9.15 3.99 26.05
C MET B 81 -7.75 3.58 26.48
N ILE B 82 -7.13 4.34 27.39
CA ILE B 82 -5.85 3.93 27.97
C ILE B 82 -5.98 2.55 28.63
N ALA B 83 -6.95 2.41 29.53
CA ALA B 83 -7.15 1.17 30.27
C ALA B 83 -7.44 -0.01 29.35
N ALA B 84 -8.16 0.23 28.24
CA ALA B 84 -8.48 -0.80 27.27
C ALA B 84 -7.31 -1.17 26.37
N GLY B 85 -6.18 -0.48 26.47
CA GLY B 85 -5.05 -0.78 25.61
C GLY B 85 -5.23 -0.39 24.17
N ASP B 86 -6.08 0.61 23.90
CA ASP B 86 -6.34 1.02 22.52
C ASP B 86 -5.22 1.85 21.91
N PHE B 87 -4.30 2.36 22.72
CA PHE B 87 -3.30 3.32 22.24
C PHE B 87 -1.97 2.68 21.91
N PHE B 88 -1.50 2.93 20.69
CA PHE B 88 -0.15 2.58 20.30
C PHE B 88 0.87 3.35 21.16
N GLU B 89 0.66 4.66 21.31
CA GLU B 89 1.36 5.51 22.25
C GLU B 89 0.40 6.58 22.76
N HIS B 90 0.67 7.09 23.96
CA HIS B 90 -0.11 8.21 24.47
C HIS B 90 0.71 8.94 25.53
N ALA B 91 0.40 10.22 25.71
CA ALA B 91 1.16 11.05 26.63
C ALA B 91 0.31 12.23 27.08
N TRP B 92 0.66 12.77 28.24
CA TRP B 92 0.12 14.02 28.74
C TRP B 92 0.93 15.14 28.11
N VAL B 93 0.33 15.86 27.17
CA VAL B 93 1.01 16.83 26.34
C VAL B 93 0.33 18.18 26.55
N HIS B 94 1.08 19.14 27.10
CA HIS B 94 0.59 20.52 27.29
C HIS B 94 -0.72 20.54 28.08
N GLY B 95 -0.80 19.74 29.14
CA GLY B 95 -1.98 19.77 29.97
C GLY B 95 -3.21 19.10 29.38
N ASP B 96 -3.04 18.24 28.37
CA ASP B 96 -4.15 17.43 27.89
C ASP B 96 -3.62 16.09 27.38
N TRP B 97 -4.52 15.12 27.24
CA TRP B 97 -4.16 13.82 26.71
C TRP B 97 -4.00 13.87 25.20
N LYS B 98 -2.98 13.18 24.71
CA LYS B 98 -2.76 12.94 23.28
C LYS B 98 -2.33 11.50 23.06
N GLY B 99 -2.77 10.93 21.94
CA GLY B 99 -2.49 9.52 21.70
C GLY B 99 -2.78 9.03 20.30
N THR B 100 -1.98 8.06 19.86
CA THR B 100 -2.19 7.36 18.59
C THR B 100 -2.89 6.04 18.85
N ALA B 101 -4.08 5.86 18.30
CA ALA B 101 -4.78 4.60 18.49
C ALA B 101 -4.06 3.49 17.73
N ARG B 102 -3.99 2.31 18.36
CA ARG B 102 -3.37 1.14 17.76
C ARG B 102 -3.93 0.83 16.38
N GLN B 103 -5.26 0.91 16.22
CA GLN B 103 -5.86 0.61 14.93
C GLN B 103 -5.41 1.58 13.84
N SER B 104 -4.77 2.69 14.20
CA SER B 104 -4.34 3.70 13.24
C SER B 104 -2.97 3.43 12.64
N VAL B 105 -2.24 2.41 13.12
CA VAL B 105 -0.85 2.23 12.74
C VAL B 105 -0.55 0.79 12.35
N GLU B 106 -0.75 -0.12 13.30
CA GLU B 106 -0.29 -1.50 13.14
C GLU B 106 -0.88 -2.21 11.93
N PRO B 107 -2.19 -2.11 11.63
CA PRO B 107 -2.68 -2.76 10.39
C PRO B 107 -2.04 -2.23 9.13
N GLN B 108 -1.90 -0.90 9.03
CA GLN B 108 -1.28 -0.31 7.85
C GLN B 108 0.14 -0.84 7.66
N LEU B 109 0.94 -0.81 8.74
CA LEU B 109 2.30 -1.32 8.68
C LEU B 109 2.31 -2.78 8.22
N ALA B 110 1.37 -3.58 8.73
CA ALA B 110 1.33 -4.97 8.32
C ALA B 110 0.95 -5.12 6.85
N ALA B 111 0.17 -4.19 6.31
CA ALA B 111 -0.26 -4.26 4.92
C ALA B 111 0.70 -3.58 3.95
N GLY B 112 1.87 -3.18 4.42
CA GLY B 112 2.89 -2.56 3.58
C GLY B 112 2.73 -1.07 3.35
N GLN B 113 1.86 -0.40 4.11
CA GLN B 113 1.65 1.04 3.94
C GLN B 113 2.48 1.81 4.96
N ASP B 114 3.22 2.80 4.49
CA ASP B 114 3.94 3.71 5.38
C ASP B 114 2.97 4.56 6.19
N VAL B 115 3.37 4.87 7.43
CA VAL B 115 2.55 5.62 8.38
C VAL B 115 3.39 6.73 8.98
N LEU B 116 2.85 7.94 9.01
CA LEU B 116 3.53 9.10 9.58
C LEU B 116 2.79 9.52 10.83
N LEU B 117 3.51 9.61 11.95
CA LEU B 117 2.94 10.08 13.20
C LEU B 117 3.46 11.48 13.49
N GLU B 118 2.59 12.38 13.88
CA GLU B 118 2.97 13.72 14.33
C GLU B 118 2.69 13.72 15.82
N ILE B 119 3.71 13.38 16.60
CA ILE B 119 3.55 13.23 18.05
C ILE B 119 4.75 13.90 18.71
N ASP B 120 4.63 14.12 20.01
CA ASP B 120 5.66 14.82 20.76
C ASP B 120 6.77 13.84 21.14
N TRP B 121 7.77 14.34 21.88
CA TRP B 121 8.94 13.55 22.20
C TRP B 121 8.61 12.38 23.11
N GLN B 122 7.67 12.57 24.05
CA GLN B 122 7.26 11.48 24.92
C GLN B 122 6.69 10.33 24.10
N GLY B 123 5.79 10.65 23.16
CA GLY B 123 5.23 9.60 22.32
C GLY B 123 6.29 8.96 21.44
N ALA B 124 7.19 9.78 20.89
CA ALA B 124 8.24 9.23 20.04
C ALA B 124 9.10 8.21 20.80
N GLN B 125 9.37 8.47 22.09
CA GLN B 125 10.15 7.51 22.87
C GLN B 125 9.42 6.18 22.99
N GLN B 126 8.12 6.23 23.25
CA GLN B 126 7.33 5.00 23.30
C GLN B 126 7.39 4.28 21.96
N VAL B 127 7.34 5.03 20.86
CA VAL B 127 7.34 4.37 19.55
C VAL B 127 8.70 3.76 19.26
N ARG B 128 9.78 4.48 19.58
CA ARG B 128 11.13 3.93 19.39
C ARG B 128 11.31 2.66 20.18
N GLN B 129 10.71 2.61 21.37
CA GLN B 129 10.84 1.44 22.23
C GLN B 129 10.05 0.27 21.67
N LEU B 130 8.97 0.54 20.93
CA LEU B 130 8.16 -0.54 20.38
C LEU B 130 8.69 -1.03 19.04
N VAL B 131 9.00 -0.11 18.13
CA VAL B 131 9.37 -0.45 16.77
C VAL B 131 10.82 -0.02 16.54
N PRO B 132 11.74 -0.95 16.31
CA PRO B 132 13.15 -0.57 16.18
C PRO B 132 13.41 0.41 15.05
N GLY B 133 12.91 0.12 13.85
CA GLY B 133 13.31 0.90 12.69
C GLY B 133 12.52 2.16 12.44
N THR B 134 11.89 2.71 13.47
CA THR B 134 11.16 3.96 13.31
C THR B 134 12.10 5.07 12.87
N VAL B 135 11.66 5.87 11.91
CA VAL B 135 12.43 6.98 11.41
C VAL B 135 11.91 8.24 12.10
N THR B 136 12.78 8.95 12.83
CA THR B 136 12.35 10.12 13.59
C THR B 136 13.07 11.36 13.09
N VAL B 137 12.31 12.43 12.87
CA VAL B 137 12.76 13.70 12.33
C VAL B 137 12.26 14.82 13.22
N PHE B 138 13.13 15.78 13.52
CA PHE B 138 12.76 16.97 14.27
C PHE B 138 12.98 18.18 13.39
N ILE B 139 12.03 19.11 13.40
CA ILE B 139 12.11 20.31 12.59
C ILE B 139 12.27 21.50 13.52
N LEU B 140 13.29 22.29 13.26
CA LEU B 140 13.61 23.48 14.03
C LEU B 140 13.27 24.74 13.24
N PRO B 141 12.83 25.80 13.91
CA PRO B 141 12.70 27.08 13.23
C PRO B 141 14.08 27.64 12.91
N PRO B 142 14.19 28.51 11.90
CA PRO B 142 15.51 28.99 11.49
C PRO B 142 16.14 29.99 12.46
N SER B 143 15.41 30.47 13.45
CA SER B 143 15.94 31.42 14.43
C SER B 143 14.92 31.60 15.54
N LYS B 144 15.38 32.16 16.65
CA LYS B 144 14.48 32.45 17.77
C LYS B 144 13.46 33.53 17.41
N GLN B 145 13.88 34.54 16.66
CA GLN B 145 12.94 35.58 16.22
C GLN B 145 11.87 34.99 15.31
N ALA B 146 12.28 34.13 14.37
CA ALA B 146 11.32 33.53 13.45
C ALA B 146 10.24 32.74 14.18
N LEU B 147 10.61 32.10 15.28
CA LEU B 147 9.64 31.35 16.05
C LEU B 147 8.58 32.26 16.67
N GLN B 148 9.02 33.33 17.36
CA GLN B 148 8.07 34.24 18.00
C GLN B 148 7.17 34.90 16.97
N ASP B 149 7.73 35.31 15.84
CA ASP B 149 6.96 36.02 14.82
C ASP B 149 5.83 35.16 14.26
N ARG B 150 6.10 33.87 14.02
CA ARG B 150 5.09 33.02 13.41
C ARG B 150 3.87 32.85 14.30
N MET B 151 4.04 32.95 15.62
CA MET B 151 2.88 32.83 16.50
C MET B 151 2.70 34.12 17.29
N GLU B 159 -1.40 38.27 24.73
CA GLU B 159 0.05 38.37 24.68
C GLU B 159 0.69 37.44 25.71
N ALA B 160 0.07 37.33 26.88
CA ALA B 160 0.59 36.43 27.91
C ALA B 160 0.50 34.98 27.47
N VAL B 161 -0.48 34.67 26.61
CA VAL B 161 -0.59 33.33 26.04
C VAL B 161 0.59 33.06 25.12
N ILE B 162 1.08 34.09 24.44
CA ILE B 162 2.23 33.92 23.56
C ILE B 162 3.46 33.48 24.35
N ALA B 163 3.64 34.03 25.55
CA ALA B 163 4.76 33.61 26.38
C ALA B 163 4.65 32.13 26.76
N GLN B 164 3.43 31.66 27.02
CA GLN B 164 3.24 30.25 27.35
C GLN B 164 3.56 29.35 26.16
N ARG B 165 3.06 29.70 24.97
CA ARG B 165 3.27 28.87 23.79
C ARG B 165 4.74 28.82 23.40
N LEU B 166 5.46 29.93 23.59
CA LEU B 166 6.90 29.92 23.37
C LEU B 166 7.58 28.99 24.37
N GLY B 167 7.10 28.99 25.61
CA GLY B 167 7.66 28.09 26.61
C GLY B 167 7.43 26.62 26.29
N ALA B 168 6.23 26.28 25.83
CA ALA B 168 5.99 24.90 25.42
C ALA B 168 6.87 24.52 24.22
N ALA B 169 7.13 25.47 23.33
CA ALA B 169 8.00 25.18 22.19
C ALA B 169 9.41 24.84 22.65
N ARG B 170 9.95 25.65 23.57
CA ARG B 170 11.28 25.35 24.07
C ARG B 170 11.30 24.02 24.81
N ASP B 171 10.23 23.71 25.54
CA ASP B 171 10.11 22.40 26.17
C ASP B 171 10.25 21.28 25.15
N GLU B 172 9.64 21.45 23.97
CA GLU B 172 9.77 20.45 22.92
C GLU B 172 11.17 20.44 22.33
N MET B 173 11.73 21.63 22.06
CA MET B 173 13.05 21.66 21.43
C MET B 173 14.15 21.13 22.32
N LEU B 174 13.95 21.14 23.66
CA LEU B 174 14.92 20.57 24.58
C LEU B 174 15.16 19.09 24.34
N HIS B 175 14.22 18.40 23.70
CA HIS B 175 14.35 16.97 23.46
C HIS B 175 14.76 16.62 22.03
N PHE B 176 15.27 17.60 21.26
CA PHE B 176 15.62 17.38 19.86
C PHE B 176 16.66 16.28 19.67
N ASN B 177 17.55 16.06 20.64
CA ASN B 177 18.63 15.10 20.49
C ASN B 177 18.16 13.66 20.35
N GLU B 178 16.92 13.35 20.71
CA GLU B 178 16.44 11.97 20.62
C GLU B 178 16.06 11.58 19.20
N PHE B 179 16.16 12.51 18.25
CA PHE B 179 15.65 12.25 16.91
C PHE B 179 16.79 11.90 15.97
N ASP B 180 16.49 11.09 14.95
CA ASP B 180 17.55 10.65 14.05
C ASP B 180 17.99 11.78 13.13
N TYR B 181 17.05 12.62 12.71
CA TYR B 181 17.31 13.67 11.74
C TYR B 181 16.80 15.00 12.27
N VAL B 182 17.46 16.07 11.82
CA VAL B 182 17.12 17.44 12.18
C VAL B 182 17.01 18.23 10.89
N ILE B 183 15.86 18.86 10.68
CA ILE B 183 15.65 19.79 9.56
C ILE B 183 15.46 21.18 10.15
N VAL B 184 16.26 22.13 9.65
CA VAL B 184 16.09 23.55 9.98
C VAL B 184 15.28 24.19 8.85
N ASN B 185 14.12 24.76 9.20
CA ASN B 185 13.17 25.27 8.20
C ASN B 185 13.52 26.71 7.83
N GLU B 186 14.53 26.87 6.98
CA GLU B 186 14.85 28.18 6.41
C GLU B 186 14.05 28.44 5.13
N VAL B 187 14.18 27.56 4.14
CA VAL B 187 13.44 27.65 2.89
C VAL B 187 12.43 26.51 2.85
N PHE B 188 11.16 26.85 2.63
CA PHE B 188 10.10 25.85 2.75
C PHE B 188 10.31 24.68 1.80
N ASP B 189 10.52 24.96 0.52
CA ASP B 189 10.65 23.87 -0.45
C ASP B 189 11.89 23.05 -0.21
N THR B 190 12.94 23.65 0.34
CA THR B 190 14.13 22.87 0.70
C THR B 190 13.81 21.94 1.85
N ALA B 191 13.07 22.43 2.85
CA ALA B 191 12.64 21.57 3.96
C ALA B 191 11.80 20.41 3.46
N VAL B 192 10.91 20.66 2.49
CA VAL B 192 10.12 19.58 1.92
C VAL B 192 11.02 18.60 1.16
N ASP B 193 11.95 19.12 0.34
CA ASP B 193 12.91 18.25 -0.35
C ASP B 193 13.67 17.39 0.64
N GLU B 194 14.10 17.99 1.75
CA GLU B 194 14.90 17.26 2.72
C GLU B 194 14.08 16.19 3.43
N LEU B 195 12.83 16.50 3.79
CA LEU B 195 11.98 15.49 4.42
C LEU B 195 11.66 14.35 3.45
N CYS B 196 11.42 14.68 2.17
CA CYS B 196 11.20 13.64 1.17
C CYS B 196 12.44 12.78 1.01
N ALA B 197 13.62 13.39 1.02
CA ALA B 197 14.85 12.60 0.91
C ALA B 197 14.94 11.59 2.05
N ILE B 198 14.58 12.02 3.27
CA ILE B 198 14.65 11.12 4.41
C ILE B 198 13.69 9.95 4.22
N PHE B 199 12.47 10.25 3.79
CA PHE B 199 11.51 9.18 3.57
C PHE B 199 12.00 8.24 2.48
N THR B 200 12.53 8.80 1.38
CA THR B 200 13.06 7.97 0.31
C THR B 200 14.24 7.13 0.80
N ALA B 201 15.22 7.76 1.46
CA ALA B 201 16.41 7.02 1.88
C ALA B 201 16.04 5.86 2.80
N SER B 202 15.06 6.08 3.68
CA SER B 202 14.70 5.08 4.70
C SER B 202 14.25 3.78 4.09
N ARG B 203 13.47 3.85 3.01
CA ARG B 203 12.98 2.65 2.35
C ARG B 203 14.07 1.86 1.65
N LEU B 204 15.25 2.45 1.44
CA LEU B 204 16.38 1.79 0.81
C LEU B 204 17.32 1.10 1.80
N ARG B 205 17.06 1.21 3.10
CA ARG B 205 17.90 0.53 4.08
C ARG B 205 17.89 -0.98 3.84
N ARG B 206 19.02 -1.61 4.14
CA ARG B 206 19.26 -3.00 3.73
C ARG B 206 18.16 -3.94 4.21
N GLU B 207 17.79 -3.86 5.48
CA GLU B 207 16.89 -4.87 6.03
C GLU B 207 15.52 -4.81 5.40
N ALA B 208 15.03 -3.60 5.08
CA ALA B 208 13.79 -3.51 4.33
C ALA B 208 13.98 -4.03 2.93
N GLN B 209 15.10 -3.68 2.28
CA GLN B 209 15.30 -4.08 0.88
C GLN B 209 15.54 -5.57 0.76
N LYS B 210 16.12 -6.22 1.78
CA LYS B 210 16.26 -7.67 1.75
C LYS B 210 14.90 -8.35 1.66
N VAL B 211 13.90 -7.82 2.36
CA VAL B 211 12.55 -8.38 2.28
C VAL B 211 11.89 -8.01 0.95
N ARG B 212 11.90 -6.72 0.62
CA ARG B 212 11.24 -6.22 -0.58
C ARG B 212 11.74 -6.93 -1.83
N HIS B 213 13.03 -7.24 -1.89
CA HIS B 213 13.63 -7.81 -3.09
C HIS B 213 14.21 -9.20 -2.81
N ALA B 214 13.61 -9.93 -1.86
CA ALA B 214 14.13 -11.24 -1.47
C ALA B 214 14.31 -12.15 -2.67
N GLY B 215 13.29 -12.25 -3.51
CA GLY B 215 13.38 -13.13 -4.67
C GLY B 215 14.42 -12.70 -5.68
N LEU B 216 14.45 -11.41 -6.00
CA LEU B 216 15.47 -10.90 -6.91
C LEU B 216 16.87 -11.16 -6.38
N ILE B 217 17.08 -10.97 -5.08
CA ILE B 217 18.39 -11.23 -4.49
C ILE B 217 18.73 -12.71 -4.54
N GLN B 218 17.75 -13.57 -4.22
CA GLN B 218 18.00 -15.01 -4.25
C GLN B 218 18.45 -15.47 -5.63
N ALA B 219 17.83 -14.95 -6.68
CA ALA B 219 18.23 -15.29 -8.05
C ALA B 219 19.64 -14.81 -8.35
N LEU B 220 19.98 -13.59 -7.93
CA LEU B 220 21.30 -13.03 -8.23
C LEU B 220 22.42 -13.83 -7.58
N LEU B 221 22.14 -14.43 -6.43
CA LEU B 221 23.13 -15.14 -5.62
C LEU B 221 23.17 -16.63 -5.92
N THR B 222 22.31 -17.14 -6.79
CA THR B 222 22.42 -18.57 -7.07
C THR B 222 23.54 -18.82 -8.07
N PRO B 223 24.41 -19.80 -7.82
CA PRO B 223 25.47 -20.20 -8.74
C PRO B 223 24.97 -21.23 -9.75
N ALA C 20 -8.52 7.50 -4.98
CA ALA C 20 -9.74 6.71 -5.22
C ALA C 20 -10.87 7.23 -4.36
N ARG C 21 -12.01 7.54 -4.97
CA ARG C 21 -13.12 8.08 -4.21
C ARG C 21 -13.66 7.03 -3.24
N GLY C 22 -14.24 7.49 -2.15
CA GLY C 22 -14.95 6.58 -1.28
C GLY C 22 -16.17 6.04 -1.99
N THR C 23 -16.61 4.86 -1.56
CA THR C 23 -17.83 4.24 -2.04
C THR C 23 -19.00 4.67 -1.18
N LEU C 24 -20.15 4.84 -1.79
CA LEU C 24 -21.38 5.16 -1.07
C LEU C 24 -22.19 3.87 -0.89
N TYR C 25 -22.49 3.53 0.36
CA TYR C 25 -23.25 2.32 0.67
C TYR C 25 -24.58 2.72 1.29
N ILE C 26 -25.64 2.01 0.90
CA ILE C 26 -26.97 2.22 1.46
C ILE C 26 -27.44 0.92 2.11
N VAL C 27 -27.87 1.00 3.37
CA VAL C 27 -28.43 -0.15 4.06
C VAL C 27 -29.83 0.24 4.54
N ALA C 28 -30.84 -0.40 3.98
CA ALA C 28 -32.23 -0.15 4.34
C ALA C 28 -32.84 -1.42 4.90
N ALA C 29 -33.91 -1.26 5.66
CA ALA C 29 -34.62 -2.36 6.26
C ALA C 29 -35.86 -1.85 6.98
N PRO C 30 -36.92 -2.64 7.08
CA PRO C 30 -38.02 -2.29 7.97
C PRO C 30 -37.55 -2.29 9.41
N SER C 31 -38.31 -1.60 10.25
CA SER C 31 -38.14 -1.71 11.69
C SER C 31 -38.30 -3.16 12.13
N GLY C 32 -37.54 -3.56 13.14
CA GLY C 32 -37.68 -4.88 13.68
C GLY C 32 -36.94 -5.96 12.94
N ALA C 33 -36.17 -5.61 11.92
CA ALA C 33 -35.31 -6.56 11.21
C ALA C 33 -33.92 -6.67 11.81
N GLY C 34 -33.54 -5.78 12.73
CA GLY C 34 -32.22 -5.83 13.32
C GLY C 34 -31.16 -5.08 12.55
N LYS C 35 -31.55 -4.22 11.60
CA LYS C 35 -30.58 -3.55 10.74
C LYS C 35 -29.58 -2.73 11.54
N SER C 36 -30.05 -2.03 12.57
CA SER C 36 -29.16 -1.12 13.28
C SER C 36 -28.02 -1.85 13.97
N SER C 37 -28.29 -2.99 14.60
CA SER C 37 -27.22 -3.73 15.27
C SER C 37 -26.23 -4.31 14.26
N ILE C 38 -26.73 -4.76 13.09
CA ILE C 38 -25.83 -5.29 12.07
C ILE C 38 -24.91 -4.20 11.56
N VAL C 39 -25.48 -3.01 11.30
CA VAL C 39 -24.68 -1.89 10.79
C VAL C 39 -23.65 -1.48 11.83
N ASN C 40 -24.06 -1.35 13.09
CA ASN C 40 -23.11 -0.95 14.14
C ASN C 40 -21.98 -1.95 14.30
N ALA C 41 -22.30 -3.26 14.27
CA ALA C 41 -21.26 -4.28 14.36
C ALA C 41 -20.35 -4.25 13.14
N THR C 42 -20.90 -3.94 11.96
CA THR C 42 -20.10 -3.84 10.75
C THR C 42 -19.12 -2.67 10.84
N LEU C 43 -19.60 -1.52 11.36
CA LEU C 43 -18.72 -0.35 11.48
C LEU C 43 -17.60 -0.58 12.47
N ALA C 44 -17.86 -1.35 13.54
CA ALA C 44 -16.78 -1.70 14.47
C ALA C 44 -15.71 -2.51 13.76
N ARG C 45 -16.11 -3.40 12.86
CA ARG C 45 -15.13 -4.24 12.15
C ARG C 45 -14.41 -3.48 11.04
N ASP C 46 -15.05 -2.46 10.45
CA ASP C 46 -14.51 -1.80 9.26
C ASP C 46 -14.46 -0.29 9.53
N PRO C 47 -13.38 0.18 10.17
CA PRO C 47 -13.34 1.58 10.60
C PRO C 47 -13.13 2.58 9.48
N GLN C 48 -12.84 2.14 8.26
CA GLN C 48 -12.72 3.07 7.15
C GLN C 48 -14.06 3.57 6.64
N ILE C 49 -15.15 3.20 7.29
CA ILE C 49 -16.51 3.55 6.86
C ILE C 49 -17.11 4.52 7.85
N ALA C 50 -17.54 5.68 7.36
CA ALA C 50 -18.20 6.67 8.19
C ALA C 50 -19.70 6.51 8.07
N LEU C 51 -20.40 6.60 9.20
CA LEU C 51 -21.86 6.56 9.19
C LEU C 51 -22.36 7.99 9.08
N SER C 52 -23.42 8.19 8.31
CA SER C 52 -23.93 9.53 8.10
C SER C 52 -25.08 9.79 9.06
N ILE C 53 -25.09 10.97 9.65
CA ILE C 53 -26.13 11.38 10.58
C ILE C 53 -27.17 12.18 9.82
N SER C 54 -28.38 11.64 9.73
CA SER C 54 -29.43 12.27 8.95
C SER C 54 -30.03 13.47 9.68
N PHE C 55 -30.61 14.38 8.91
CA PHE C 55 -31.43 15.43 9.46
C PHE C 55 -32.88 14.97 9.52
N THR C 56 -33.60 15.49 10.52
CA THR C 56 -35.02 15.22 10.62
C THR C 56 -35.72 16.38 11.29
N SER C 57 -36.98 16.60 10.89
CA SER C 57 -37.84 17.55 11.55
C SER C 57 -38.73 16.87 12.58
N ARG C 58 -38.57 15.58 12.79
CA ARG C 58 -39.38 14.92 13.79
C ARG C 58 -39.07 15.54 15.14
N ALA C 59 -40.08 15.58 16.00
CA ALA C 59 -39.91 16.15 17.33
C ALA C 59 -38.97 15.28 18.14
N MET C 60 -38.18 15.91 19.00
CA MET C 60 -37.32 15.16 19.91
C MET C 60 -38.16 14.55 21.03
N ARG C 61 -37.87 13.31 21.34
CA ARG C 61 -38.55 12.68 22.45
C ARG C 61 -37.79 13.01 23.72
N PRO C 62 -38.42 12.97 24.89
CA PRO C 62 -37.67 13.26 26.12
C PRO C 62 -36.48 12.32 26.23
N GLY C 63 -35.32 12.88 26.53
CA GLY C 63 -34.10 12.12 26.62
C GLY C 63 -33.27 12.02 25.36
N GLU C 64 -33.83 12.34 24.19
CA GLU C 64 -33.05 12.19 22.96
C GLU C 64 -31.94 13.21 22.87
N VAL C 65 -30.84 12.81 22.23
CA VAL C 65 -29.65 13.64 22.14
C VAL C 65 -29.51 14.06 20.71
N ASN C 66 -29.57 15.38 20.48
CA ASN C 66 -29.40 15.92 19.15
C ASN C 66 -27.96 15.66 18.70
N GLY C 67 -27.81 15.18 17.47
CA GLY C 67 -26.49 14.84 16.99
C GLY C 67 -26.07 13.40 17.15
N GLN C 68 -26.91 12.54 17.74
CA GLN C 68 -26.52 11.14 17.89
C GLN C 68 -27.19 10.28 16.83
N HIS C 69 -28.48 10.03 16.97
CA HIS C 69 -29.22 9.29 15.96
C HIS C 69 -29.65 10.19 14.81
N TYR C 70 -29.86 11.48 15.09
CA TYR C 70 -30.27 12.44 14.08
C TYR C 70 -29.70 13.79 14.46
N HIS C 71 -29.67 14.68 13.47
CA HIS C 71 -29.59 16.13 13.71
C HIS C 71 -31.03 16.63 13.67
N PHE C 72 -31.59 16.89 14.85
CA PHE C 72 -32.98 17.34 14.95
C PHE C 72 -33.07 18.83 14.72
N VAL C 73 -33.92 19.22 13.76
CA VAL C 73 -34.17 20.61 13.44
C VAL C 73 -35.67 20.83 13.32
N SER C 74 -36.06 22.11 13.25
CA SER C 74 -37.46 22.42 13.08
C SER C 74 -37.88 22.12 11.65
N ALA C 75 -39.19 21.99 11.45
CA ALA C 75 -39.69 21.78 10.09
C ALA C 75 -39.32 22.96 9.20
N GLU C 76 -39.36 24.17 9.74
CA GLU C 76 -39.02 25.36 8.98
C GLU C 76 -37.57 25.31 8.54
N LYS C 77 -36.67 24.90 9.45
CA LYS C 77 -35.26 24.75 9.11
C LYS C 77 -35.06 23.65 8.08
N PHE C 78 -35.75 22.53 8.25
CA PHE C 78 -35.61 21.47 7.26
C PHE C 78 -36.04 21.98 5.89
N GLU C 79 -37.18 22.65 5.84
CA GLU C 79 -37.68 23.18 4.57
C GLU C 79 -36.78 24.28 4.03
N GLN C 80 -36.17 25.08 4.89
CA GLN C 80 -35.16 26.02 4.40
C GLN C 80 -34.03 25.28 3.71
N MET C 81 -33.62 24.14 4.28
CA MET C 81 -32.52 23.37 3.68
C MET C 81 -32.96 22.71 2.38
N ILE C 82 -34.22 22.27 2.28
CA ILE C 82 -34.72 21.78 0.99
C ILE C 82 -34.55 22.87 -0.06
N ALA C 83 -35.08 24.06 0.22
CA ALA C 83 -35.08 25.19 -0.72
C ALA C 83 -33.66 25.60 -1.10
N ALA C 84 -32.72 25.51 -0.16
CA ALA C 84 -31.33 25.88 -0.43
C ALA C 84 -30.58 24.83 -1.23
N GLY C 85 -31.20 23.67 -1.46
CA GLY C 85 -30.53 22.56 -2.11
C GLY C 85 -29.50 21.87 -1.25
N ASP C 86 -29.60 21.97 0.09
CA ASP C 86 -28.58 21.44 0.98
C ASP C 86 -28.61 19.92 1.13
N PHE C 87 -29.66 19.25 0.71
CA PHE C 87 -29.80 17.83 0.94
C PHE C 87 -29.33 17.06 -0.29
N PHE C 88 -28.45 16.10 -0.05
CA PHE C 88 -28.11 15.11 -1.07
C PHE C 88 -29.34 14.30 -1.46
N GLU C 89 -30.08 13.84 -0.47
CA GLU C 89 -31.41 13.26 -0.66
C GLU C 89 -32.26 13.67 0.52
N HIS C 90 -33.56 13.73 0.31
CA HIS C 90 -34.51 13.98 1.38
C HIS C 90 -35.87 13.40 0.97
N ALA C 91 -36.68 13.10 1.98
CA ALA C 91 -37.99 12.51 1.73
C ALA C 91 -38.89 12.75 2.93
N TRP C 92 -40.20 12.67 2.68
CA TRP C 92 -41.23 12.66 3.70
C TRP C 92 -41.43 11.22 4.17
N VAL C 93 -40.99 10.93 5.39
CA VAL C 93 -40.90 9.56 5.91
C VAL C 93 -41.75 9.48 7.17
N HIS C 94 -42.80 8.65 7.13
CA HIS C 94 -43.64 8.40 8.31
C HIS C 94 -44.12 9.68 8.95
N GLY C 95 -44.56 10.63 8.13
CA GLY C 95 -45.11 11.89 8.62
C GLY C 95 -44.11 12.93 9.10
N ASP C 96 -42.83 12.83 8.74
CA ASP C 96 -41.86 13.87 9.07
C ASP C 96 -40.80 13.92 7.97
N TRP C 97 -40.04 15.02 7.94
CA TRP C 97 -38.94 15.16 6.98
C TRP C 97 -37.73 14.36 7.43
N LYS C 98 -37.07 13.71 6.47
CA LYS C 98 -35.79 13.05 6.72
C LYS C 98 -34.85 13.36 5.57
N GLY C 99 -33.57 13.50 5.87
CA GLY C 99 -32.66 13.94 4.83
C GLY C 99 -31.22 13.68 5.15
N THR C 100 -30.46 13.40 4.09
CA THR C 100 -29.01 13.30 4.14
C THR C 100 -28.43 14.60 3.60
N ALA C 101 -27.74 15.35 4.44
CA ALA C 101 -27.14 16.60 4.00
C ALA C 101 -25.94 16.33 3.09
N ARG C 102 -25.80 17.16 2.06
CA ARG C 102 -24.67 17.06 1.15
C ARG C 102 -23.34 17.04 1.89
N GLN C 103 -23.18 17.93 2.89
CA GLN C 103 -21.92 18.03 3.62
C GLN C 103 -21.56 16.75 4.38
N SER C 104 -22.51 15.83 4.56
CA SER C 104 -22.25 14.57 5.26
C SER C 104 -21.74 13.48 4.32
N VAL C 105 -21.68 13.76 3.02
CA VAL C 105 -21.44 12.73 2.01
C VAL C 105 -20.33 13.18 1.05
N GLU C 106 -20.58 14.26 0.32
CA GLU C 106 -19.69 14.65 -0.77
C GLU C 106 -18.26 14.91 -0.34
N PRO C 107 -17.98 15.62 0.76
CA PRO C 107 -16.57 15.75 1.17
C PRO C 107 -15.92 14.43 1.53
N GLN C 108 -16.59 13.58 2.31
CA GLN C 108 -16.01 12.30 2.69
C GLN C 108 -15.70 11.44 1.48
N LEU C 109 -16.68 11.28 0.58
CA LEU C 109 -16.45 10.50 -0.64
C LEU C 109 -15.30 11.07 -1.46
N ALA C 110 -15.26 12.40 -1.60
CA ALA C 110 -14.20 13.05 -2.36
C ALA C 110 -12.83 12.87 -1.70
N ALA C 111 -12.81 12.66 -0.38
CA ALA C 111 -11.57 12.43 0.34
C ALA C 111 -11.19 10.96 0.41
N GLY C 112 -11.90 10.10 -0.32
CA GLY C 112 -11.58 8.69 -0.34
C GLY C 112 -12.16 7.86 0.80
N GLN C 113 -13.08 8.43 1.59
CA GLN C 113 -13.70 7.74 2.71
C GLN C 113 -15.05 7.16 2.30
N ASP C 114 -15.27 5.89 2.60
CA ASP C 114 -16.57 5.28 2.37
C ASP C 114 -17.60 5.86 3.32
N VAL C 115 -18.83 5.94 2.86
CA VAL C 115 -19.93 6.53 3.63
C VAL C 115 -21.10 5.56 3.57
N LEU C 116 -21.72 5.31 4.72
CA LEU C 116 -22.87 4.43 4.80
C LEU C 116 -24.10 5.24 5.18
N LEU C 117 -25.15 5.13 4.38
CA LEU C 117 -26.41 5.82 4.63
C LEU C 117 -27.46 4.83 5.12
N GLU C 118 -28.18 5.20 6.18
CA GLU C 118 -29.31 4.44 6.68
C GLU C 118 -30.56 5.25 6.35
N ILE C 119 -31.16 4.97 5.21
CA ILE C 119 -32.27 5.77 4.70
C ILE C 119 -33.33 4.83 4.15
N ASP C 120 -34.51 5.39 3.88
CA ASP C 120 -35.65 4.63 3.41
C ASP C 120 -35.54 4.39 1.90
N TRP C 121 -36.52 3.68 1.35
CA TRP C 121 -36.47 3.34 -0.06
C TRP C 121 -36.57 4.59 -0.95
N GLN C 122 -37.37 5.59 -0.53
CA GLN C 122 -37.48 6.82 -1.30
C GLN C 122 -36.12 7.50 -1.45
N GLY C 123 -35.37 7.59 -0.35
CA GLY C 123 -34.04 8.16 -0.43
C GLY C 123 -33.09 7.32 -1.27
N ALA C 124 -33.17 6.00 -1.14
CA ALA C 124 -32.27 5.12 -1.89
C ALA C 124 -32.44 5.32 -3.40
N GLN C 125 -33.69 5.55 -3.85
CA GLN C 125 -33.94 5.76 -5.27
C GLN C 125 -33.24 7.03 -5.76
N GLN C 126 -33.29 8.09 -4.96
CA GLN C 126 -32.60 9.33 -5.34
C GLN C 126 -31.11 9.13 -5.44
N VAL C 127 -30.52 8.43 -4.46
CA VAL C 127 -29.07 8.28 -4.43
C VAL C 127 -28.59 7.42 -5.60
N ARG C 128 -29.35 6.39 -5.97
CA ARG C 128 -28.96 5.54 -7.09
C ARG C 128 -28.82 6.33 -8.38
N GLN C 129 -29.70 7.32 -8.58
CA GLN C 129 -29.66 8.12 -9.79
C GLN C 129 -28.51 9.13 -9.77
N LEU C 130 -28.04 9.53 -8.59
CA LEU C 130 -27.04 10.59 -8.50
C LEU C 130 -25.59 10.08 -8.57
N VAL C 131 -25.26 9.04 -7.82
CA VAL C 131 -23.87 8.63 -7.57
C VAL C 131 -23.63 7.30 -8.25
N PRO C 132 -22.61 7.19 -9.12
CA PRO C 132 -22.47 6.00 -9.97
C PRO C 132 -22.38 4.66 -9.23
N GLY C 133 -21.37 4.49 -8.37
CA GLY C 133 -21.11 3.16 -7.85
C GLY C 133 -21.86 2.79 -6.58
N THR C 134 -23.01 3.43 -6.34
CA THR C 134 -23.74 3.25 -5.08
C THR C 134 -24.15 1.79 -4.87
N VAL C 135 -23.84 1.26 -3.69
CA VAL C 135 -24.16 -0.11 -3.31
C VAL C 135 -25.35 -0.08 -2.35
N THR C 136 -26.44 -0.76 -2.69
CA THR C 136 -27.63 -0.74 -1.85
C THR C 136 -27.93 -2.13 -1.33
N VAL C 137 -28.20 -2.20 -0.04
CA VAL C 137 -28.42 -3.46 0.66
C VAL C 137 -29.72 -3.34 1.45
N PHE C 138 -30.54 -4.38 1.37
CA PHE C 138 -31.79 -4.47 2.11
C PHE C 138 -31.72 -5.67 3.03
N ILE C 139 -32.11 -5.47 4.30
CA ILE C 139 -32.05 -6.50 5.33
C ILE C 139 -33.48 -6.90 5.71
N LEU C 140 -33.76 -8.19 5.65
CA LEU C 140 -35.06 -8.77 5.94
C LEU C 140 -35.02 -9.56 7.25
N PRO C 141 -36.11 -9.54 8.02
CA PRO C 141 -36.18 -10.41 9.22
C PRO C 141 -36.28 -11.87 8.80
N PRO C 142 -35.86 -12.79 9.66
CA PRO C 142 -35.84 -14.22 9.27
C PRO C 142 -37.21 -14.88 9.16
N SER C 143 -38.29 -14.23 9.60
CA SER C 143 -39.62 -14.82 9.48
C SER C 143 -40.65 -13.76 9.85
N LYS C 144 -41.89 -14.04 9.46
CA LYS C 144 -42.99 -13.13 9.81
C LYS C 144 -43.18 -13.06 11.32
N GLN C 145 -43.03 -14.20 12.00
CA GLN C 145 -43.10 -14.19 13.46
C GLN C 145 -41.99 -13.34 14.06
N ALA C 146 -40.77 -13.46 13.55
CA ALA C 146 -39.65 -12.69 14.09
C ALA C 146 -39.91 -11.19 13.99
N LEU C 147 -40.52 -10.75 12.88
CA LEU C 147 -40.87 -9.35 12.72
C LEU C 147 -41.94 -8.93 13.73
N GLN C 148 -43.00 -9.72 13.85
CA GLN C 148 -44.07 -9.38 14.81
C GLN C 148 -43.54 -9.34 16.23
N ASP C 149 -42.69 -10.30 16.61
CA ASP C 149 -42.19 -10.38 17.97
C ASP C 149 -41.41 -9.13 18.35
N ARG C 150 -40.55 -8.65 17.45
CA ARG C 150 -39.71 -7.48 17.73
C ARG C 150 -40.52 -6.20 17.89
N MET C 151 -41.74 -6.17 17.36
CA MET C 151 -42.53 -4.94 17.33
C MET C 151 -43.14 -4.64 18.71
N SER C 158 -50.47 -1.62 22.63
CA SER C 158 -51.61 -1.13 21.86
C SER C 158 -51.66 -1.82 20.50
N GLU C 159 -52.84 -2.34 20.15
CA GLU C 159 -52.95 -3.17 18.96
C GLU C 159 -52.92 -2.35 17.69
N ALA C 160 -53.60 -1.19 17.69
CA ALA C 160 -53.62 -0.35 16.49
C ALA C 160 -52.25 0.22 16.17
N VAL C 161 -51.45 0.56 17.18
CA VAL C 161 -50.10 1.05 16.93
C VAL C 161 -49.20 -0.06 16.41
N ILE C 162 -49.34 -1.27 16.97
CA ILE C 162 -48.52 -2.39 16.50
C ILE C 162 -48.90 -2.77 15.08
N ALA C 163 -50.20 -2.79 14.77
CA ALA C 163 -50.64 -3.05 13.40
C ALA C 163 -50.15 -1.95 12.46
N GLN C 164 -50.13 -0.71 12.93
CA GLN C 164 -49.63 0.39 12.10
C GLN C 164 -48.17 0.20 11.77
N ARG C 165 -47.36 -0.18 12.77
CA ARG C 165 -45.92 -0.38 12.56
C ARG C 165 -45.65 -1.59 11.66
N LEU C 166 -46.45 -2.66 11.81
CA LEU C 166 -46.32 -3.79 10.89
C LEU C 166 -46.70 -3.38 9.47
N GLY C 167 -47.73 -2.55 9.32
CA GLY C 167 -48.11 -2.10 8.00
C GLY C 167 -47.03 -1.27 7.36
N ALA C 168 -46.38 -0.40 8.13
CA ALA C 168 -45.25 0.36 7.61
C ALA C 168 -44.09 -0.54 7.23
N ALA C 169 -43.89 -1.63 7.98
CA ALA C 169 -42.81 -2.56 7.66
C ALA C 169 -43.03 -3.23 6.31
N ARG C 170 -44.25 -3.70 6.03
CA ARG C 170 -44.51 -4.36 4.75
C ARG C 170 -44.35 -3.39 3.59
N ASP C 171 -44.84 -2.16 3.76
CA ASP C 171 -44.66 -1.12 2.75
C ASP C 171 -43.19 -0.92 2.46
N GLU C 172 -42.36 -0.93 3.49
CA GLU C 172 -40.92 -0.77 3.30
C GLU C 172 -40.33 -1.96 2.56
N MET C 173 -40.71 -3.19 2.98
CA MET C 173 -40.16 -4.41 2.38
C MET C 173 -40.61 -4.62 0.94
N LEU C 174 -41.74 -4.03 0.53
CA LEU C 174 -42.17 -4.16 -0.86
C LEU C 174 -41.14 -3.61 -1.84
N HIS C 175 -40.20 -2.80 -1.38
CA HIS C 175 -39.22 -2.17 -2.24
C HIS C 175 -37.86 -2.87 -2.20
N PHE C 176 -37.78 -4.07 -1.61
CA PHE C 176 -36.52 -4.78 -1.52
C PHE C 176 -35.96 -5.04 -2.92
N ASN C 177 -36.84 -5.19 -3.89
CA ASN C 177 -36.47 -5.52 -5.26
C ASN C 177 -35.68 -4.40 -5.92
N GLU C 178 -35.65 -3.21 -5.33
CA GLU C 178 -34.87 -2.10 -5.86
C GLU C 178 -33.42 -2.13 -5.41
N PHE C 179 -33.03 -3.08 -4.55
CA PHE C 179 -31.71 -3.08 -3.94
C PHE C 179 -30.80 -4.13 -4.57
N ASP C 180 -29.49 -3.85 -4.57
CA ASP C 180 -28.53 -4.73 -5.23
C ASP C 180 -28.36 -6.04 -4.48
N TYR C 181 -28.38 -5.99 -3.16
CA TYR C 181 -28.12 -7.16 -2.32
C TYR C 181 -29.23 -7.30 -1.31
N VAL C 182 -29.48 -8.54 -0.88
CA VAL C 182 -30.46 -8.84 0.14
C VAL C 182 -29.82 -9.73 1.19
N ILE C 183 -29.90 -9.32 2.45
CA ILE C 183 -29.45 -10.10 3.59
C ILE C 183 -30.67 -10.50 4.41
N VAL C 184 -30.82 -11.79 4.68
CA VAL C 184 -31.81 -12.29 5.62
C VAL C 184 -31.13 -12.48 6.95
N ASN C 185 -31.59 -11.75 7.97
CA ASN C 185 -30.93 -11.73 9.28
C ASN C 185 -31.46 -12.90 10.11
N GLU C 186 -30.96 -14.11 9.80
CA GLU C 186 -31.27 -15.28 10.61
C GLU C 186 -30.28 -15.45 11.75
N VAL C 187 -29.00 -15.49 11.45
CA VAL C 187 -27.93 -15.57 12.43
C VAL C 187 -27.18 -14.24 12.42
N PHE C 188 -27.07 -13.61 13.58
CA PHE C 188 -26.54 -12.25 13.65
C PHE C 188 -25.10 -12.18 13.12
N ASP C 189 -24.23 -13.04 13.64
CA ASP C 189 -22.82 -12.98 13.25
C ASP C 189 -22.64 -13.29 11.77
N THR C 190 -23.52 -14.13 11.22
CA THR C 190 -23.49 -14.38 9.78
C THR C 190 -23.91 -13.14 9.01
N ALA C 191 -24.96 -12.46 9.48
CA ALA C 191 -25.42 -11.25 8.82
C ALA C 191 -24.32 -10.19 8.76
N VAL C 192 -23.57 -10.05 9.85
CA VAL C 192 -22.45 -9.09 9.88
C VAL C 192 -21.37 -9.50 8.90
N ASP C 193 -21.00 -10.79 8.88
CA ASP C 193 -20.05 -11.28 7.89
C ASP C 193 -20.49 -10.97 6.47
N GLU C 194 -21.78 -11.16 6.19
CA GLU C 194 -22.30 -10.95 4.86
C GLU C 194 -22.27 -9.48 4.49
N LEU C 195 -22.58 -8.59 5.43
CA LEU C 195 -22.48 -7.17 5.15
C LEU C 195 -21.02 -6.78 4.91
N CYS C 196 -20.09 -7.30 5.72
CA CYS C 196 -18.69 -7.02 5.47
C CYS C 196 -18.24 -7.55 4.12
N ALA C 197 -18.66 -8.75 3.75
CA ALA C 197 -18.29 -9.25 2.44
C ALA C 197 -18.74 -8.30 1.34
N ILE C 198 -19.95 -7.75 1.47
CA ILE C 198 -20.46 -6.83 0.45
C ILE C 198 -19.57 -5.60 0.34
N PHE C 199 -19.18 -5.04 1.49
CA PHE C 199 -18.32 -3.86 1.46
C PHE C 199 -16.97 -4.18 0.83
N THR C 200 -16.39 -5.32 1.24
CA THR C 200 -15.09 -5.74 0.70
C THR C 200 -15.16 -5.95 -0.80
N ALA C 201 -16.15 -6.73 -1.25
CA ALA C 201 -16.25 -7.04 -2.67
C ALA C 201 -16.46 -5.77 -3.50
N SER C 202 -17.19 -4.81 -2.94
CA SER C 202 -17.52 -3.61 -3.72
C SER C 202 -16.28 -2.78 -4.02
N ARG C 203 -15.29 -2.81 -3.12
CA ARG C 203 -14.05 -2.09 -3.35
C ARG C 203 -13.17 -2.77 -4.39
N LEU C 204 -13.43 -4.04 -4.70
CA LEU C 204 -12.65 -4.75 -5.70
C LEU C 204 -13.23 -4.60 -7.10
N ARG C 205 -14.34 -3.88 -7.25
CA ARG C 205 -14.96 -3.69 -8.55
C ARG C 205 -13.98 -3.00 -9.50
N ARG C 206 -14.09 -3.36 -10.78
CA ARG C 206 -13.08 -2.97 -11.77
C ARG C 206 -12.81 -1.48 -11.78
N GLU C 207 -13.85 -0.66 -11.86
CA GLU C 207 -13.63 0.76 -12.10
C GLU C 207 -12.94 1.41 -10.90
N ALA C 208 -13.25 0.95 -9.69
CA ALA C 208 -12.54 1.45 -8.52
C ALA C 208 -11.07 1.03 -8.56
N GLN C 209 -10.82 -0.22 -8.95
CA GLN C 209 -9.45 -0.73 -8.95
C GLN C 209 -8.60 -0.10 -10.05
N LYS C 210 -9.22 0.28 -11.17
CA LYS C 210 -8.50 0.96 -12.24
C LYS C 210 -7.92 2.30 -11.77
N VAL C 211 -8.65 3.00 -10.90
CA VAL C 211 -8.17 4.24 -10.32
C VAL C 211 -7.13 3.96 -9.23
N ARG C 212 -7.49 3.08 -8.30
CA ARG C 212 -6.63 2.74 -7.18
C ARG C 212 -5.30 2.18 -7.64
N HIS C 213 -5.28 1.43 -8.75
CA HIS C 213 -4.05 0.79 -9.20
C HIS C 213 -3.61 1.27 -10.59
N ALA C 214 -3.95 2.51 -10.94
CA ALA C 214 -3.63 3.04 -12.26
C ALA C 214 -2.16 2.89 -12.58
N GLY C 215 -1.29 3.25 -11.63
CA GLY C 215 0.14 3.14 -11.89
C GLY C 215 0.59 1.71 -12.10
N LEU C 216 0.14 0.79 -11.23
CA LEU C 216 0.48 -0.61 -11.41
C LEU C 216 0.01 -1.13 -12.77
N ILE C 217 -1.22 -0.80 -13.17
CA ILE C 217 -1.76 -1.29 -14.43
C ILE C 217 -0.96 -0.78 -15.62
N GLN C 218 -0.58 0.51 -15.62
CA GLN C 218 0.18 1.01 -16.74
C GLN C 218 1.51 0.27 -16.89
N ALA C 219 2.19 0.03 -15.77
CA ALA C 219 3.46 -0.69 -15.82
C ALA C 219 3.27 -2.10 -16.35
N LEU C 220 2.25 -2.79 -15.86
CA LEU C 220 2.06 -4.19 -16.26
C LEU C 220 1.72 -4.30 -17.73
N LEU C 221 1.03 -3.32 -18.31
CA LEU C 221 0.59 -3.42 -19.70
C LEU C 221 1.57 -2.83 -20.70
N THR C 222 2.67 -2.19 -20.23
CA THR C 222 3.74 -1.66 -21.07
C THR C 222 4.76 -2.74 -21.41
N PRO C 223 5.25 -2.81 -22.64
CA PRO C 223 6.21 -3.84 -23.02
C PRO C 223 7.62 -3.50 -22.54
N ASP C 224 8.57 -4.38 -22.87
CA ASP C 224 9.98 -4.18 -22.55
C ASP C 224 10.67 -3.32 -23.60
N ALA D 18 29.48 26.13 12.35
CA ALA D 18 30.81 25.54 12.27
C ALA D 18 30.94 24.63 11.05
N VAL D 19 32.13 24.04 10.91
CA VAL D 19 32.45 23.17 9.77
C VAL D 19 32.12 21.75 10.20
N ALA D 20 30.90 21.31 9.88
CA ALA D 20 30.54 19.91 10.06
C ALA D 20 31.40 19.03 9.17
N ARG D 21 31.95 17.96 9.73
CA ARG D 21 32.85 17.10 8.98
C ARG D 21 32.18 16.54 7.75
N GLY D 22 32.98 16.30 6.72
CA GLY D 22 32.45 15.67 5.54
C GLY D 22 32.04 14.25 5.84
N THR D 23 31.06 13.76 5.09
CA THR D 23 30.62 12.39 5.20
C THR D 23 31.36 11.53 4.18
N LEU D 24 31.69 10.32 4.59
CA LEU D 24 32.38 9.36 3.74
C LEU D 24 31.34 8.41 3.17
N TYR D 25 31.30 8.32 1.86
CA TYR D 25 30.35 7.46 1.18
C TYR D 25 31.12 6.38 0.45
N ILE D 26 30.58 5.16 0.49
CA ILE D 26 31.11 4.05 -0.29
C ILE D 26 29.99 3.50 -1.17
N VAL D 27 30.23 3.40 -2.47
CA VAL D 27 29.25 2.83 -3.39
C VAL D 27 29.91 1.67 -4.12
N ALA D 28 29.34 0.48 -3.97
CA ALA D 28 29.81 -0.74 -4.64
C ALA D 28 28.69 -1.34 -5.49
N ALA D 29 29.10 -2.19 -6.41
CA ALA D 29 28.17 -2.88 -7.31
C ALA D 29 28.94 -3.90 -8.14
N PRO D 30 28.32 -4.99 -8.55
CA PRO D 30 28.94 -5.85 -9.56
C PRO D 30 29.12 -5.09 -10.87
N SER D 31 30.10 -5.53 -11.66
CA SER D 31 30.25 -4.95 -12.98
C SER D 31 28.97 -5.14 -13.78
N GLY D 32 28.62 -4.12 -14.57
CA GLY D 32 27.43 -4.20 -15.40
C GLY D 32 26.14 -3.84 -14.72
N ALA D 33 26.18 -3.36 -13.48
CA ALA D 33 24.98 -2.93 -12.78
C ALA D 33 24.61 -1.48 -13.06
N GLY D 34 25.47 -0.73 -13.75
CA GLY D 34 25.21 0.67 -14.02
C GLY D 34 25.71 1.60 -12.94
N LYS D 35 26.59 1.12 -12.06
CA LYS D 35 27.06 1.94 -10.95
C LYS D 35 27.74 3.20 -11.44
N SER D 36 28.56 3.08 -12.49
CA SER D 36 29.36 4.22 -12.92
C SER D 36 28.49 5.34 -13.47
N SER D 37 27.47 5.00 -14.27
CA SER D 37 26.59 6.05 -14.78
C SER D 37 25.76 6.67 -13.65
N ILE D 38 25.36 5.87 -12.67
CA ILE D 38 24.56 6.39 -11.55
C ILE D 38 25.39 7.36 -10.72
N VAL D 39 26.63 6.99 -10.40
CA VAL D 39 27.48 7.87 -9.61
C VAL D 39 27.76 9.17 -10.37
N ASN D 40 28.07 9.06 -11.66
CA ASN D 40 28.34 10.26 -12.45
C ASN D 40 27.11 11.16 -12.53
N ALA D 41 25.93 10.58 -12.73
CA ALA D 41 24.74 11.42 -12.76
C ALA D 41 24.48 12.02 -11.38
N THR D 42 24.80 11.29 -10.32
CA THR D 42 24.61 11.81 -8.97
C THR D 42 25.56 12.99 -8.68
N LEU D 43 26.82 12.87 -9.12
CA LEU D 43 27.76 13.95 -8.91
C LEU D 43 27.38 15.20 -9.68
N ALA D 44 26.78 15.04 -10.88
CA ALA D 44 26.31 16.19 -11.63
C ALA D 44 25.24 16.95 -10.84
N ARG D 45 24.37 16.23 -10.15
CA ARG D 45 23.32 16.85 -9.35
C ARG D 45 23.85 17.37 -8.01
N ASP D 46 24.92 16.77 -7.48
CA ASP D 46 25.41 17.06 -6.14
C ASP D 46 26.91 17.33 -6.17
N PRO D 47 27.32 18.56 -6.49
CA PRO D 47 28.76 18.85 -6.64
C PRO D 47 29.52 18.91 -5.33
N GLN D 48 28.86 18.79 -4.19
CA GLN D 48 29.46 18.80 -2.87
C GLN D 48 30.25 17.53 -2.56
N ILE D 49 30.33 16.57 -3.48
CA ILE D 49 30.94 15.27 -3.25
C ILE D 49 32.20 15.14 -4.08
N ALA D 50 33.31 14.87 -3.41
CA ALA D 50 34.60 14.68 -4.06
C ALA D 50 34.86 13.21 -4.32
N LEU D 51 35.51 12.93 -5.45
CA LEU D 51 35.99 11.61 -5.79
C LEU D 51 37.43 11.45 -5.33
N SER D 52 37.83 10.20 -5.12
CA SER D 52 39.19 9.84 -4.76
C SER D 52 39.88 9.07 -5.88
N ILE D 53 41.15 9.34 -6.12
CA ILE D 53 41.95 8.58 -7.09
C ILE D 53 42.71 7.48 -6.34
N SER D 54 42.35 6.22 -6.59
CA SER D 54 43.00 5.12 -5.88
C SER D 54 44.39 4.85 -6.44
N PHE D 55 45.24 4.26 -5.59
CA PHE D 55 46.52 3.70 -6.01
C PHE D 55 46.33 2.24 -6.39
N THR D 56 47.11 1.79 -7.37
CA THR D 56 47.07 0.36 -7.69
C THR D 56 48.42 -0.03 -8.29
N SER D 57 48.81 -1.28 -8.03
CA SER D 57 49.98 -1.87 -8.65
C SER D 57 49.64 -2.74 -9.86
N ARG D 58 48.37 -2.87 -10.22
CA ARG D 58 48.04 -3.64 -11.41
C ARG D 58 48.48 -2.90 -12.68
N ALA D 59 48.66 -3.66 -13.75
CA ALA D 59 49.08 -3.11 -15.03
C ALA D 59 47.98 -2.24 -15.65
N MET D 60 48.40 -1.20 -16.38
CA MET D 60 47.47 -0.36 -17.10
C MET D 60 46.84 -1.10 -18.28
N ARG D 61 45.51 -0.93 -18.45
CA ARG D 61 44.73 -1.43 -19.58
C ARG D 61 44.62 -0.40 -20.69
N PRO D 62 44.37 -0.83 -21.92
CA PRO D 62 44.27 0.12 -23.03
C PRO D 62 43.24 1.22 -22.75
N GLY D 63 43.63 2.45 -23.03
CA GLY D 63 42.79 3.60 -22.83
C GLY D 63 42.90 4.26 -21.46
N GLU D 64 43.45 3.56 -20.47
CA GLU D 64 43.58 4.14 -19.15
C GLU D 64 44.67 5.20 -19.10
N VAL D 65 44.44 6.24 -18.29
CA VAL D 65 45.38 7.36 -18.14
C VAL D 65 45.88 7.36 -16.71
N ASN D 66 47.20 7.28 -16.53
CA ASN D 66 47.80 7.35 -15.21
C ASN D 66 47.58 8.72 -14.59
N GLY D 67 47.08 8.74 -13.35
CA GLY D 67 46.72 9.97 -12.68
C GLY D 67 45.27 10.39 -12.87
N GLN D 68 44.53 9.69 -13.73
CA GLN D 68 43.11 9.92 -13.95
C GLN D 68 42.31 8.74 -13.41
N HIS D 69 42.47 7.54 -13.97
CA HIS D 69 41.72 6.39 -13.46
C HIS D 69 42.33 5.83 -12.18
N TYR D 70 43.65 5.87 -12.05
CA TYR D 70 44.36 5.41 -10.86
C TYR D 70 45.68 6.14 -10.79
N HIS D 71 46.31 6.08 -9.62
CA HIS D 71 47.75 6.31 -9.54
C HIS D 71 48.39 4.93 -9.73
N PHE D 72 48.94 4.68 -10.92
CA PHE D 72 49.56 3.39 -11.20
C PHE D 72 51.00 3.39 -10.69
N VAL D 73 51.32 2.46 -9.79
CA VAL D 73 52.65 2.36 -9.20
C VAL D 73 53.09 0.91 -9.29
N SER D 74 54.36 0.70 -8.98
CA SER D 74 54.91 -0.65 -8.91
C SER D 74 54.47 -1.32 -7.62
N ALA D 75 54.59 -2.64 -7.60
CA ALA D 75 54.27 -3.37 -6.37
C ALA D 75 55.17 -2.93 -5.23
N GLU D 76 56.46 -2.69 -5.52
CA GLU D 76 57.40 -2.28 -4.49
C GLU D 76 57.01 -0.92 -3.90
N LYS D 77 56.60 0.02 -4.75
CA LYS D 77 56.15 1.32 -4.27
C LYS D 77 54.90 1.18 -3.43
N PHE D 78 53.93 0.38 -3.89
CA PHE D 78 52.70 0.18 -3.11
C PHE D 78 53.03 -0.44 -1.76
N GLU D 79 53.92 -1.45 -1.73
CA GLU D 79 54.29 -2.11 -0.49
C GLU D 79 55.01 -1.15 0.45
N GLN D 80 55.82 -0.25 -0.11
CA GLN D 80 56.42 0.83 0.66
C GLN D 80 55.36 1.71 1.30
N MET D 81 54.28 2.02 0.57
CA MET D 81 53.21 2.82 1.12
C MET D 81 52.40 2.05 2.17
N ILE D 82 52.26 0.75 2.00
CA ILE D 82 51.71 -0.06 3.09
C ILE D 82 52.57 0.06 4.32
N ALA D 83 53.88 -0.17 4.16
CA ALA D 83 54.80 -0.18 5.29
C ALA D 83 54.80 1.17 6.00
N ALA D 84 54.68 2.26 5.24
CA ALA D 84 54.67 3.59 5.80
C ALA D 84 53.34 3.97 6.42
N GLY D 85 52.32 3.12 6.31
CA GLY D 85 51.03 3.52 6.82
C GLY D 85 50.36 4.61 6.01
N ASP D 86 50.69 4.74 4.71
CA ASP D 86 50.11 5.82 3.91
C ASP D 86 48.67 5.57 3.49
N PHE D 87 48.15 4.35 3.61
CA PHE D 87 46.84 4.02 3.08
C PHE D 87 45.79 4.12 4.16
N PHE D 88 44.74 4.86 3.85
CA PHE D 88 43.53 4.85 4.67
C PHE D 88 42.91 3.46 4.71
N GLU D 89 42.78 2.84 3.54
CA GLU D 89 42.45 1.43 3.40
C GLU D 89 43.22 0.89 2.19
N HIS D 90 43.52 -0.40 2.22
CA HIS D 90 44.17 -1.07 1.09
C HIS D 90 43.78 -2.53 1.11
N ALA D 91 43.86 -3.15 -0.07
CA ALA D 91 43.44 -4.54 -0.15
C ALA D 91 44.09 -5.20 -1.36
N TRP D 92 44.17 -6.52 -1.28
CA TRP D 92 44.56 -7.38 -2.38
C TRP D 92 43.29 -7.73 -3.16
N VAL D 93 43.14 -7.15 -4.34
CA VAL D 93 41.90 -7.22 -5.13
C VAL D 93 42.24 -7.81 -6.49
N HIS D 94 41.68 -8.98 -6.81
CA HIS D 94 41.88 -9.59 -8.12
C HIS D 94 43.36 -9.77 -8.45
N GLY D 95 44.14 -10.23 -7.47
CA GLY D 95 45.54 -10.50 -7.69
C GLY D 95 46.47 -9.29 -7.80
N ASP D 96 46.02 -8.11 -7.37
CA ASP D 96 46.89 -6.94 -7.29
C ASP D 96 46.47 -6.06 -6.14
N TRP D 97 47.35 -5.13 -5.78
CA TRP D 97 47.10 -4.18 -4.71
C TRP D 97 46.16 -3.08 -5.17
N LYS D 98 45.26 -2.67 -4.29
CA LYS D 98 44.44 -1.48 -4.46
C LYS D 98 44.39 -0.74 -3.14
N GLY D 99 44.34 0.60 -3.20
CA GLY D 99 44.35 1.34 -1.96
C GLY D 99 43.96 2.80 -2.09
N THR D 100 43.35 3.34 -1.03
CA THR D 100 43.01 4.74 -0.92
C THR D 100 44.03 5.44 -0.02
N ALA D 101 44.77 6.39 -0.56
CA ALA D 101 45.77 7.09 0.25
C ALA D 101 45.07 7.96 1.30
N ARG D 102 45.62 7.95 2.52
CA ARG D 102 45.08 8.80 3.58
C ARG D 102 44.99 10.26 3.15
N GLN D 103 46.00 10.73 2.39
CA GLN D 103 45.99 12.12 1.95
C GLN D 103 44.82 12.43 1.02
N SER D 104 44.14 11.42 0.48
CA SER D 104 43.03 11.63 -0.43
C SER D 104 41.67 11.75 0.28
N VAL D 105 41.62 11.52 1.59
CA VAL D 105 40.35 11.40 2.30
C VAL D 105 40.34 12.28 3.53
N GLU D 106 41.28 12.05 4.46
CA GLU D 106 41.20 12.72 5.75
C GLU D 106 41.21 14.24 5.66
N PRO D 107 42.08 14.90 4.87
CA PRO D 107 41.99 16.36 4.78
C PRO D 107 40.66 16.86 4.25
N GLN D 108 40.11 16.22 3.22
CA GLN D 108 38.81 16.65 2.71
C GLN D 108 37.75 16.55 3.79
N LEU D 109 37.62 15.37 4.41
CA LEU D 109 36.61 15.17 5.45
C LEU D 109 36.79 16.17 6.58
N ALA D 110 38.03 16.39 7.03
CA ALA D 110 38.26 17.33 8.12
C ALA D 110 37.92 18.75 7.72
N ALA D 111 38.00 19.06 6.42
CA ALA D 111 37.66 20.39 5.93
C ALA D 111 36.21 20.52 5.55
N GLY D 112 35.39 19.52 5.88
CA GLY D 112 33.96 19.58 5.59
C GLY D 112 33.60 19.12 4.21
N GLN D 113 34.52 18.50 3.50
CA GLN D 113 34.29 18.02 2.14
C GLN D 113 33.85 16.55 2.19
N ASP D 114 32.71 16.26 1.57
CA ASP D 114 32.25 14.87 1.42
C ASP D 114 33.13 14.14 0.41
N VAL D 115 33.35 12.84 0.65
CA VAL D 115 34.20 12.02 -0.21
C VAL D 115 33.48 10.72 -0.52
N LEU D 116 33.47 10.33 -1.80
CA LEU D 116 32.88 9.09 -2.25
C LEU D 116 34.00 8.18 -2.75
N LEU D 117 34.07 6.98 -2.18
CA LEU D 117 35.04 5.96 -2.56
C LEU D 117 34.33 4.85 -3.34
N GLU D 118 34.96 4.38 -4.40
CA GLU D 118 34.49 3.20 -5.11
C GLU D 118 35.54 2.10 -4.90
N ILE D 119 35.33 1.27 -3.89
CA ILE D 119 36.32 0.29 -3.46
C ILE D 119 35.60 -1.03 -3.24
N ASP D 120 36.38 -2.10 -3.08
CA ASP D 120 35.80 -3.43 -2.95
C ASP D 120 35.33 -3.67 -1.52
N TRP D 121 34.81 -4.87 -1.26
CA TRP D 121 34.21 -5.13 0.05
C TRP D 121 35.26 -5.15 1.16
N GLN D 122 36.47 -5.64 0.87
CA GLN D 122 37.52 -5.64 1.88
C GLN D 122 37.82 -4.22 2.34
N GLY D 123 37.97 -3.30 1.40
CA GLY D 123 38.20 -1.90 1.76
C GLY D 123 37.02 -1.28 2.48
N ALA D 124 35.80 -1.55 2.01
CA ALA D 124 34.61 -1.02 2.68
C ALA D 124 34.55 -1.43 4.15
N GLN D 125 34.96 -2.67 4.45
CA GLN D 125 34.94 -3.11 5.84
C GLN D 125 35.92 -2.30 6.69
N GLN D 126 37.13 -2.06 6.19
CA GLN D 126 38.12 -1.30 6.94
C GLN D 126 37.61 0.11 7.21
N VAL D 127 37.01 0.74 6.21
CA VAL D 127 36.54 2.11 6.37
C VAL D 127 35.41 2.17 7.40
N ARG D 128 34.49 1.18 7.38
CA ARG D 128 33.39 1.20 8.33
C ARG D 128 33.90 1.22 9.76
N GLN D 129 35.01 0.51 10.02
CA GLN D 129 35.59 0.47 11.35
C GLN D 129 36.35 1.75 11.70
N LEU D 130 36.82 2.51 10.70
CA LEU D 130 37.63 3.70 10.89
C LEU D 130 36.85 4.98 11.10
N VAL D 131 35.84 5.22 10.27
CA VAL D 131 35.15 6.51 10.22
C VAL D 131 33.72 6.27 10.70
N PRO D 132 33.28 6.96 11.75
CA PRO D 132 31.99 6.62 12.36
C PRO D 132 30.81 6.70 11.41
N GLY D 133 30.59 7.84 10.77
CA GLY D 133 29.36 8.03 10.03
C GLY D 133 29.37 7.56 8.59
N THR D 134 30.22 6.59 8.25
CA THR D 134 30.35 6.14 6.86
C THR D 134 29.02 5.59 6.36
N VAL D 135 28.64 6.02 5.16
CA VAL D 135 27.45 5.57 4.45
C VAL D 135 27.87 4.69 3.29
N THR D 136 27.44 3.43 3.30
CA THR D 136 27.84 2.51 2.26
C THR D 136 26.57 2.09 1.53
N VAL D 137 26.61 2.11 0.20
CA VAL D 137 25.45 1.82 -0.64
C VAL D 137 25.86 0.74 -1.61
N PHE D 138 25.02 -0.28 -1.76
CA PHE D 138 25.24 -1.33 -2.75
C PHE D 138 24.14 -1.28 -3.79
N ILE D 139 24.54 -1.35 -5.06
CA ILE D 139 23.60 -1.22 -6.16
C ILE D 139 23.44 -2.58 -6.85
N LEU D 140 22.22 -3.08 -6.90
CA LEU D 140 21.96 -4.36 -7.52
C LEU D 140 21.26 -4.18 -8.86
N PRO D 141 21.61 -5.00 -9.85
CA PRO D 141 20.86 -5.03 -11.09
C PRO D 141 19.50 -5.67 -10.89
N PRO D 142 18.54 -5.43 -11.79
CA PRO D 142 17.20 -6.03 -11.63
C PRO D 142 17.17 -7.54 -11.83
N SER D 143 18.23 -8.15 -12.38
CA SER D 143 18.36 -9.59 -12.56
C SER D 143 19.76 -9.87 -13.06
N LYS D 144 20.17 -11.14 -12.98
CA LYS D 144 21.47 -11.52 -13.52
C LYS D 144 21.50 -11.35 -15.03
N GLN D 145 20.37 -11.62 -15.68
CA GLN D 145 20.26 -11.38 -17.13
C GLN D 145 20.42 -9.90 -17.46
N ALA D 146 19.81 -9.03 -16.65
CA ALA D 146 19.93 -7.58 -16.87
C ALA D 146 21.38 -7.14 -16.89
N LEU D 147 22.22 -7.79 -16.09
CA LEU D 147 23.65 -7.53 -16.12
C LEU D 147 24.21 -7.82 -17.50
N GLN D 148 23.86 -8.98 -18.03
CA GLN D 148 24.34 -9.36 -19.36
C GLN D 148 23.81 -8.42 -20.43
N ASP D 149 22.50 -8.11 -20.39
CA ASP D 149 21.89 -7.30 -21.43
C ASP D 149 22.51 -5.90 -21.50
N ARG D 150 22.67 -5.25 -20.35
CA ARG D 150 23.21 -3.89 -20.36
C ARG D 150 24.65 -3.87 -20.83
N MET D 151 25.35 -4.98 -20.65
CA MET D 151 26.76 -5.07 -21.01
C MET D 151 26.92 -5.28 -22.51
N ARG D 152 26.06 -6.13 -23.08
CA ARG D 152 26.03 -6.33 -24.52
C ARG D 152 25.64 -5.04 -25.26
N LYS D 153 24.62 -4.32 -24.76
CA LYS D 153 24.07 -3.20 -25.50
C LYS D 153 25.04 -2.02 -25.57
N ARG D 154 25.90 -1.84 -24.57
CA ARG D 154 26.95 -0.84 -24.67
C ARG D 154 27.90 -1.15 -25.82
N GLY D 155 28.06 -2.44 -26.15
CA GLY D 155 28.81 -2.84 -27.32
C GLY D 155 30.31 -2.68 -27.20
N GLN D 156 30.83 -2.48 -25.99
CA GLN D 156 32.26 -2.31 -25.78
C GLN D 156 32.98 -3.61 -25.50
N ASP D 157 32.28 -4.61 -24.94
CA ASP D 157 32.89 -5.84 -24.44
C ASP D 157 32.53 -7.02 -25.33
N SER D 158 33.52 -7.87 -25.60
CA SER D 158 33.28 -9.11 -26.30
C SER D 158 32.43 -10.05 -25.45
N GLU D 159 31.92 -11.11 -26.08
CA GLU D 159 31.10 -12.07 -25.36
C GLU D 159 31.90 -12.78 -24.28
N ALA D 160 33.18 -13.12 -24.57
CA ALA D 160 33.99 -13.78 -23.55
C ALA D 160 34.30 -12.84 -22.38
N VAL D 161 34.47 -11.55 -22.66
CA VAL D 161 34.70 -10.59 -21.57
C VAL D 161 33.44 -10.44 -20.74
N ILE D 162 32.27 -10.44 -21.37
CA ILE D 162 31.01 -10.32 -20.64
C ILE D 162 30.79 -11.53 -19.74
N ALA D 163 31.10 -12.74 -20.23
CA ALA D 163 30.99 -13.93 -19.39
C ALA D 163 31.93 -13.85 -18.19
N GLN D 164 33.11 -13.27 -18.40
CA GLN D 164 34.08 -13.10 -17.31
C GLN D 164 33.51 -12.19 -16.23
N ARG D 165 32.88 -11.08 -16.63
CA ARG D 165 32.33 -10.16 -15.64
C ARG D 165 31.15 -10.78 -14.89
N LEU D 166 30.33 -11.58 -15.57
CA LEU D 166 29.22 -12.24 -14.88
C LEU D 166 29.72 -13.19 -13.79
N GLY D 167 30.81 -13.90 -14.05
CA GLY D 167 31.36 -14.77 -13.02
C GLY D 167 31.84 -14.00 -11.81
N ALA D 168 32.49 -12.85 -12.06
CA ALA D 168 32.92 -11.97 -10.98
C ALA D 168 31.74 -11.33 -10.26
N ALA D 169 30.63 -11.11 -10.96
CA ALA D 169 29.51 -10.37 -10.38
C ALA D 169 28.97 -11.05 -9.13
N ARG D 170 28.78 -12.37 -9.17
CA ARG D 170 28.24 -13.05 -7.99
C ARG D 170 29.19 -12.94 -6.79
N ASP D 171 30.50 -12.96 -7.04
CA ASP D 171 31.46 -12.76 -5.97
C ASP D 171 31.26 -11.42 -5.27
N GLU D 172 30.98 -10.36 -6.03
CA GLU D 172 30.74 -9.06 -5.42
C GLU D 172 29.41 -9.01 -4.69
N MET D 173 28.36 -9.56 -5.31
CA MET D 173 27.03 -9.46 -4.73
C MET D 173 26.89 -10.25 -3.43
N LEU D 174 27.75 -11.23 -3.18
CA LEU D 174 27.71 -11.95 -1.92
C LEU D 174 27.93 -11.05 -0.72
N HIS D 175 28.53 -9.88 -0.91
CA HIS D 175 28.85 -9.02 0.22
C HIS D 175 27.85 -7.88 0.40
N PHE D 176 26.72 -7.90 -0.31
CA PHE D 176 25.76 -6.80 -0.20
C PHE D 176 25.26 -6.65 1.23
N ASN D 177 25.22 -7.75 2.00
CA ASN D 177 24.67 -7.68 3.35
C ASN D 177 25.50 -6.81 4.29
N GLU D 178 26.72 -6.45 3.92
CA GLU D 178 27.58 -5.59 4.72
C GLU D 178 27.26 -4.10 4.58
N PHE D 179 26.32 -3.74 3.71
CA PHE D 179 26.09 -2.36 3.34
C PHE D 179 24.83 -1.81 4.00
N ASP D 180 24.83 -0.50 4.23
CA ASP D 180 23.70 0.15 4.89
C ASP D 180 22.48 0.24 3.98
N TYR D 181 22.69 0.51 2.69
CA TYR D 181 21.60 0.77 1.76
C TYR D 181 21.74 -0.11 0.52
N VAL D 182 20.61 -0.43 -0.09
CA VAL D 182 20.58 -1.21 -1.32
C VAL D 182 19.66 -0.51 -2.31
N ILE D 183 20.17 -0.22 -3.50
CA ILE D 183 19.38 0.33 -4.60
C ILE D 183 19.27 -0.74 -5.68
N VAL D 184 18.04 -1.04 -6.10
CA VAL D 184 17.84 -1.91 -7.26
C VAL D 184 17.67 -1.01 -8.47
N ASN D 185 18.57 -1.17 -9.45
CA ASN D 185 18.60 -0.29 -10.61
C ASN D 185 17.71 -0.85 -11.72
N GLU D 186 16.40 -0.63 -11.56
CA GLU D 186 15.51 -0.97 -12.65
C GLU D 186 15.42 0.18 -13.63
N VAL D 187 15.08 1.37 -13.14
CA VAL D 187 15.03 2.59 -13.94
C VAL D 187 16.18 3.50 -13.53
N PHE D 188 16.95 3.96 -14.51
CA PHE D 188 18.17 4.72 -14.24
C PHE D 188 17.87 6.00 -13.47
N ASP D 189 16.91 6.80 -13.95
CA ASP D 189 16.63 8.07 -13.31
C ASP D 189 16.11 7.90 -11.90
N THR D 190 15.42 6.78 -11.60
CA THR D 190 15.05 6.49 -10.22
C THR D 190 16.27 6.15 -9.39
N ALA D 191 17.19 5.34 -9.93
CA ALA D 191 18.39 5.01 -9.19
C ALA D 191 19.18 6.27 -8.83
N VAL D 192 19.24 7.24 -9.75
CA VAL D 192 19.95 8.49 -9.45
C VAL D 192 19.25 9.24 -8.33
N ASP D 193 17.92 9.40 -8.43
CA ASP D 193 17.13 10.03 -7.35
C ASP D 193 17.35 9.32 -6.02
N GLU D 194 17.39 7.99 -6.04
CA GLU D 194 17.51 7.27 -4.78
C GLU D 194 18.89 7.49 -4.15
N LEU D 195 19.96 7.48 -4.96
CA LEU D 195 21.29 7.75 -4.41
C LEU D 195 21.41 9.20 -3.94
N CYS D 196 20.84 10.13 -4.70
CA CYS D 196 20.80 11.52 -4.26
C CYS D 196 20.05 11.67 -2.94
N ALA D 197 18.95 10.93 -2.77
CA ALA D 197 18.22 10.97 -1.51
C ALA D 197 19.09 10.52 -0.33
N ILE D 198 19.88 9.45 -0.53
CA ILE D 198 20.74 8.96 0.55
C ILE D 198 21.77 10.00 0.93
N PHE D 199 22.40 10.63 -0.07
CA PHE D 199 23.40 11.67 0.24
C PHE D 199 22.74 12.86 0.94
N THR D 200 21.58 13.30 0.44
CA THR D 200 20.85 14.41 1.07
C THR D 200 20.47 14.05 2.50
N ALA D 201 19.86 12.88 2.69
CA ALA D 201 19.41 12.48 4.02
C ALA D 201 20.58 12.37 5.00
N SER D 202 21.74 11.90 4.54
CA SER D 202 22.88 11.69 5.44
CA SER D 202 22.85 11.69 5.47
C SER D 202 23.32 12.99 6.09
N ARG D 203 23.26 14.10 5.34
CA ARG D 203 23.68 15.38 5.90
C ARG D 203 22.70 15.93 6.92
N LEU D 204 21.49 15.38 7.00
CA LEU D 204 20.48 15.80 7.96
C LEU D 204 20.55 15.03 9.28
N ARG D 205 21.46 14.07 9.38
CA ARG D 205 21.59 13.29 10.61
C ARG D 205 21.93 14.21 11.78
N ARG D 206 21.45 13.80 12.96
CA ARG D 206 21.51 14.63 14.15
C ARG D 206 22.92 15.14 14.46
N GLU D 207 23.89 14.23 14.47
CA GLU D 207 25.20 14.63 14.96
C GLU D 207 25.88 15.64 14.01
N ALA D 208 25.66 15.52 12.70
CA ALA D 208 26.16 16.53 11.77
C ALA D 208 25.45 17.87 11.97
N GLN D 209 24.13 17.83 12.16
CA GLN D 209 23.34 19.05 12.28
C GLN D 209 23.59 19.79 13.58
N LYS D 210 23.91 19.06 14.66
CA LYS D 210 24.23 19.71 15.93
C LYS D 210 25.46 20.60 15.79
N VAL D 211 26.43 20.18 14.99
CA VAL D 211 27.62 20.98 14.72
C VAL D 211 27.27 22.13 13.79
N ARG D 212 26.62 21.80 12.68
CA ARG D 212 26.28 22.81 11.68
C ARG D 212 25.40 23.92 12.27
N HIS D 213 24.54 23.61 13.24
CA HIS D 213 23.61 24.60 13.77
C HIS D 213 23.77 24.79 15.28
N ALA D 214 24.99 24.63 15.79
CA ALA D 214 25.24 24.72 17.23
C ALA D 214 24.74 26.04 17.81
N GLY D 215 25.05 27.15 17.14
CA GLY D 215 24.64 28.46 17.64
C GLY D 215 23.13 28.63 17.66
N LEU D 216 22.46 28.20 16.58
CA LEU D 216 21.00 28.22 16.57
C LEU D 216 20.42 27.40 17.71
N ILE D 217 20.95 26.20 17.93
CA ILE D 217 20.40 25.31 18.95
C ILE D 217 20.56 25.93 20.35
N GLN D 218 21.74 26.47 20.64
CA GLN D 218 21.94 27.09 21.95
C GLN D 218 20.98 28.25 22.17
N ALA D 219 20.77 29.08 21.14
CA ALA D 219 19.81 30.18 21.26
C ALA D 219 18.41 29.64 21.47
N LEU D 220 18.02 28.62 20.71
CA LEU D 220 16.67 28.10 20.79
C LEU D 220 16.38 27.45 22.16
N LEU D 221 17.39 26.88 22.80
CA LEU D 221 17.15 26.15 24.03
C LEU D 221 17.37 26.97 25.29
N THR D 222 17.89 28.18 25.15
CA THR D 222 18.14 29.03 26.30
C THR D 222 16.85 29.71 26.75
N PRO D 223 16.61 29.80 28.06
CA PRO D 223 15.38 30.44 28.54
C PRO D 223 15.52 31.95 28.47
N ASP D 224 14.37 32.62 28.27
CA ASP D 224 14.31 34.07 28.07
C ASP D 224 15.06 34.89 29.12
P 5GP E . -0.70 -22.05 -18.69
O1P 5GP E . -1.07 -23.13 -17.71
O2P 5GP E . 0.53 -21.22 -18.30
O3P 5GP E . -0.57 -22.51 -20.12
O5' 5GP E . -1.92 -21.05 -18.76
C5' 5GP E . -2.06 -20.16 -19.85
C4' 5GP E . -3.40 -19.49 -19.80
O4' 5GP E . -4.40 -20.43 -20.27
C3' 5GP E . -3.85 -19.06 -18.40
O3' 5GP E . -4.45 -17.78 -18.45
C2' 5GP E . -4.94 -20.07 -18.06
O2' 5GP E . -5.92 -19.60 -17.16
C1' 5GP E . -5.52 -20.34 -19.44
N9 5GP E . -6.30 -21.56 -19.52
C8 5GP E . -6.19 -22.65 -18.69
N7 5GP E . -7.15 -23.52 -18.86
C5 5GP E . -7.93 -22.98 -19.87
C6 5GP E . -9.13 -23.43 -20.44
O6 5GP E . -9.74 -24.45 -20.14
N1 5GP E . -9.62 -22.56 -21.40
C2 5GP E . -9.02 -21.37 -21.76
N2 5GP E . -9.64 -20.63 -22.70
N3 5GP E . -7.89 -20.94 -21.23
C4 5GP E . -7.40 -21.78 -20.29
P PO4 F . -0.39 -19.95 -11.01
O1 PO4 F . -1.87 -19.65 -11.09
O2 PO4 F . -0.18 -20.88 -9.84
O3 PO4 F . 0.43 -18.70 -10.75
O4 PO4 F . 0.04 -20.60 -12.31
P 5GP G . -1.64 20.84 19.52
O1P 5GP G . -2.56 20.49 20.68
O2P 5GP G . -2.41 20.56 18.22
O3P 5GP G . -1.02 22.20 19.71
O5' 5GP G . -0.45 19.79 19.58
C5' 5GP G . 0.47 19.83 20.66
C4' 5GP G . 1.53 18.76 20.58
O4' 5GP G . 0.94 17.44 20.72
C3' 5GP G . 2.34 18.74 19.27
O3' 5GP G . 3.71 18.47 19.59
C2' 5GP G . 1.77 17.52 18.55
O2' 5GP G . 2.65 16.91 17.63
C1' 5GP G . 1.49 16.60 19.73
N9 5GP G . 0.59 15.50 19.46
C8 5GP G . -0.42 15.47 18.54
N7 5GP G . -0.97 14.28 18.43
C5 5GP G . -0.28 13.49 19.33
C6 5GP G . -0.41 12.12 19.65
O6 5GP G . -1.18 11.30 19.14
N1 5GP G . 0.49 11.72 20.62
C2 5GP G . 1.40 12.54 21.23
N2 5GP G . 2.18 11.99 22.16
N3 5GP G . 1.53 13.83 20.93
C4 5GP G . 0.67 14.23 19.98
P 5GP H . -36.35 6.07 12.68
O1P 5GP H . -36.00 7.48 13.04
O2P 5GP H . -35.44 4.96 13.20
O3P 5GP H . -37.80 5.74 13.05
O5' 5GP H . -36.31 5.98 11.08
C5' 5GP H . -37.52 5.82 10.35
C4' 5GP H . -37.27 5.67 8.86
O4' 5GP H . -36.58 6.83 8.37
C3' 5GP H . -36.45 4.45 8.45
O3' 5GP H . -37.11 3.78 7.38
C2' 5GP H . -35.14 5.05 7.95
O2' 5GP H . -34.53 4.31 6.92
C1' 5GP H . -35.59 6.41 7.44
N9 5GP H . -34.53 7.43 7.38
C8 5GP H . -33.63 7.73 8.36
N7 5GP H . -32.79 8.67 8.02
C5 5GP H . -33.17 9.01 6.73
C6 5GP H . -32.62 9.96 5.83
O6 5GP H . -31.60 10.62 5.99
N1 5GP H . -33.30 10.00 4.62
C2 5GP H . -34.36 9.20 4.29
N2 5GP H . -34.84 9.30 3.05
N3 5GP H . -34.88 8.30 5.14
C4 5GP H . -34.24 8.27 6.32
P 5GP I . 39.41 -2.66 -11.72
O1P 5GP I . 39.75 -1.19 -11.98
O2P 5GP I . 40.72 -3.45 -11.63
O3P 5GP I . 38.39 -3.21 -12.67
O5' 5GP I . 38.75 -2.69 -10.27
C5' 5GP I . 38.62 -3.93 -9.58
C4' 5GP I . 38.12 -3.78 -8.16
O4' 5GP I . 39.00 -2.94 -7.37
C3' 5GP I . 36.70 -3.22 -7.99
O3' 5GP I . 35.99 -4.03 -7.05
C2' 5GP I . 36.95 -1.86 -7.34
O2' 5GP I . 35.91 -1.45 -6.50
C1' 5GP I . 38.21 -2.13 -6.54
N9 5GP I . 38.96 -0.94 -6.14
C8 5GP I . 39.27 0.16 -6.91
N7 5GP I . 39.95 1.07 -6.24
C5 5GP I . 40.10 0.54 -4.97
C6 5GP I . 40.72 1.07 -3.77
O6 5GP I . 41.22 2.18 -3.62
N1 5GP I . 40.64 0.19 -2.71
C2 5GP I . 40.04 -1.05 -2.75
N2 5GP I . 40.09 -1.77 -1.63
N3 5GP I . 39.45 -1.55 -3.83
C4 5GP I . 39.50 -0.71 -4.89
C1 EDO J . 23.89 20.35 3.89
O1 EDO J . 24.86 21.04 4.67
C2 EDO J . 22.50 20.57 4.49
O2 EDO J . 22.34 19.75 5.66
#